data_5JME
#
_entry.id   5JME
#
_cell.length_a   145.115
_cell.length_b   147.890
_cell.length_c   146.309
_cell.angle_alpha   90.000
_cell.angle_beta   90.000
_cell.angle_gamma   90.000
#
_symmetry.space_group_name_H-M   'C 2 2 21'
#
loop_
_entity.id
_entity.type
_entity.pdbx_description
1 polymer 'Soluble acetylcholine receptor'
2 polymer 'alpha-conotoxin PeIA from Conus pergrandis'
3 water water
#
loop_
_entity_poly.entity_id
_entity_poly.type
_entity_poly.pdbx_seq_one_letter_code
_entity_poly.pdbx_strand_id
1 'polypeptide(L)'
;DYKDDDDKLHSQANLMRLKSDLFNRSPMYPGPTKDDPLTVTLGFTLQDIVKADSSTNEVDLVYYEQQRWKLNSLMWDPNE
YGNITDFRTSAADIWTPDITAYSSTRPVQVLSPQIAVVTHDGSVMFIPAQRLSFMCDPTGVDSEEGATCAVKFGSWVYSG
FEIDLKTDTDQVDLSSYYASSKYEILSATQTRQVQHYSCCPEPYIDVNLVVKFRERRAGNGFFRNLFDSR
;
A,B,C,D,E
2 'polypeptide(L)' GCCSHPACSVNHPELC(NH2) F,G,H,I
#
loop_
_chem_comp.id
_chem_comp.type
_chem_comp.name
_chem_comp.formula
NH2 non-polymer 'AMINO GROUP' 'H2 N'
#
# COMPACT_ATOMS: atom_id res chain seq x y z
N ASP A 7 18.90 35.50 -13.07
CA ASP A 7 18.29 34.97 -14.29
C ASP A 7 18.09 33.46 -14.23
N LYS A 8 18.81 32.79 -13.32
CA LYS A 8 18.49 31.41 -12.99
C LYS A 8 17.09 31.32 -12.41
N LEU A 9 16.69 32.33 -11.64
CA LEU A 9 15.30 32.47 -11.24
C LEU A 9 14.37 32.65 -12.44
N HIS A 10 14.85 33.31 -13.50
CA HIS A 10 14.01 33.53 -14.68
C HIS A 10 13.81 32.24 -15.47
N SER A 11 14.82 31.37 -15.51
CA SER A 11 14.60 30.04 -16.08
C SER A 11 13.56 29.26 -15.27
N GLN A 12 13.68 29.31 -13.94
CA GLN A 12 12.71 28.64 -13.10
C GLN A 12 11.33 29.25 -13.27
N ALA A 13 11.26 30.58 -13.42
CA ALA A 13 9.97 31.24 -13.59
C ALA A 13 9.33 30.83 -14.91
N ASN A 14 10.12 30.80 -15.98
CA ASN A 14 9.61 30.37 -17.28
C ASN A 14 9.12 28.93 -17.23
N LEU A 15 9.84 28.05 -16.54
CA LEU A 15 9.45 26.65 -16.49
C LEU A 15 8.16 26.47 -15.69
N MET A 16 8.07 27.10 -14.53
CA MET A 16 6.87 26.99 -13.70
C MET A 16 5.67 27.57 -14.44
N ARG A 17 5.86 28.71 -15.10
CA ARG A 17 4.81 29.30 -15.90
C ARG A 17 4.34 28.35 -16.98
N LEU A 18 5.28 27.75 -17.71
CA LEU A 18 4.94 26.82 -18.78
C LEU A 18 4.18 25.61 -18.26
N LYS A 19 4.64 25.03 -17.14
CA LYS A 19 4.01 23.84 -16.62
C LYS A 19 2.59 24.12 -16.16
N SER A 20 2.40 25.15 -15.34
CA SER A 20 1.06 25.49 -14.87
C SER A 20 0.17 25.86 -16.05
N ASP A 21 0.73 26.49 -17.07
CA ASP A 21 -0.04 26.81 -18.27
C ASP A 21 -0.56 25.55 -18.94
N LEU A 22 0.32 24.58 -19.19
CA LEU A 22 -0.09 23.37 -19.90
C LEU A 22 -1.07 22.55 -19.10
N PHE A 23 -0.87 22.46 -17.78
CA PHE A 23 -1.71 21.62 -16.95
C PHE A 23 -3.05 22.27 -16.62
N ASN A 24 -3.31 23.49 -17.09
CA ASN A 24 -4.56 24.18 -16.82
C ASN A 24 -5.13 24.80 -18.08
N TYR A 29 -7.19 17.40 -21.56
CA TYR A 29 -7.07 16.26 -22.47
C TYR A 29 -7.76 15.03 -21.90
N PRO A 30 -8.79 14.58 -22.60
CA PRO A 30 -9.62 13.46 -22.11
C PRO A 30 -9.20 12.07 -22.56
N GLY A 31 -8.05 11.92 -23.21
CA GLY A 31 -7.69 10.67 -23.83
C GLY A 31 -8.08 10.70 -25.29
N PRO A 32 -7.70 9.68 -26.05
CA PRO A 32 -8.00 9.68 -27.48
C PRO A 32 -9.41 9.20 -27.78
N THR A 33 -9.90 9.60 -28.95
CA THR A 33 -11.17 9.18 -29.49
C THR A 33 -10.96 8.80 -30.94
N LYS A 34 -12.04 8.31 -31.58
CA LYS A 34 -11.93 7.90 -32.97
C LYS A 34 -11.58 9.09 -33.87
N ASP A 35 -12.04 10.28 -33.49
CA ASP A 35 -11.77 11.51 -34.24
C ASP A 35 -10.37 12.06 -34.00
N ASP A 36 -9.81 11.84 -32.80
CA ASP A 36 -8.47 12.31 -32.44
C ASP A 36 -7.67 11.12 -31.92
N PRO A 37 -7.24 10.24 -32.81
CA PRO A 37 -6.57 9.03 -32.37
C PRO A 37 -5.11 9.30 -32.02
N LEU A 38 -4.50 8.32 -31.37
CA LEU A 38 -3.17 8.49 -30.79
C LEU A 38 -2.31 7.29 -31.15
N THR A 39 -1.07 7.54 -31.55
CA THR A 39 -0.10 6.48 -31.75
C THR A 39 0.79 6.39 -30.52
N VAL A 40 0.90 5.20 -29.94
CA VAL A 40 1.77 4.94 -28.80
C VAL A 40 2.83 3.97 -29.29
N THR A 41 4.11 4.34 -29.13
CA THR A 41 5.19 3.44 -29.46
C THR A 41 5.71 2.76 -28.20
N LEU A 42 6.04 1.50 -28.33
CA LEU A 42 6.35 0.66 -27.19
C LEU A 42 7.63 -0.11 -27.48
N GLY A 43 8.54 -0.14 -26.51
CA GLY A 43 9.77 -0.93 -26.58
C GLY A 43 10.20 -1.48 -25.24
N PHE A 44 10.73 -2.71 -25.19
CA PHE A 44 11.15 -3.32 -23.94
C PHE A 44 12.65 -3.48 -23.89
N THR A 45 13.21 -3.18 -22.72
CA THR A 45 14.58 -3.52 -22.34
C THR A 45 14.50 -4.53 -21.21
N LEU A 46 14.84 -5.78 -21.51
CA LEU A 46 14.72 -6.87 -20.55
C LEU A 46 15.97 -6.94 -19.69
N GLN A 47 15.80 -6.73 -18.39
CA GLN A 47 16.91 -6.80 -17.46
C GLN A 47 17.16 -8.20 -16.92
N ASP A 48 16.11 -8.96 -16.63
CA ASP A 48 16.34 -10.18 -15.86
C ASP A 48 15.07 -11.04 -15.83
N ILE A 49 15.25 -12.34 -15.99
CA ILE A 49 14.26 -13.34 -15.61
C ILE A 49 14.60 -13.77 -14.20
N VAL A 50 13.81 -13.31 -13.23
CA VAL A 50 14.20 -13.54 -11.84
C VAL A 50 13.84 -14.96 -11.40
N LYS A 51 12.67 -15.44 -11.79
CA LYS A 51 12.09 -16.64 -11.21
C LYS A 51 11.17 -17.31 -12.22
N ALA A 52 11.30 -18.62 -12.36
CA ALA A 52 10.38 -19.42 -13.17
C ALA A 52 9.84 -20.53 -12.28
N ASP A 53 8.55 -20.48 -11.98
CA ASP A 53 7.92 -21.39 -11.02
C ASP A 53 7.12 -22.43 -11.80
N SER A 54 7.61 -23.66 -11.80
CA SER A 54 6.96 -24.73 -12.56
C SER A 54 5.79 -25.38 -11.81
N SER A 55 5.60 -25.07 -10.53
CA SER A 55 4.45 -25.58 -9.81
C SER A 55 3.20 -24.74 -10.02
N THR A 56 3.33 -23.48 -10.42
CA THR A 56 2.18 -22.65 -10.75
C THR A 56 2.20 -22.13 -12.18
N ASN A 57 3.29 -22.37 -12.92
CA ASN A 57 3.52 -21.83 -14.26
C ASN A 57 3.36 -20.30 -14.28
N GLU A 58 4.16 -19.66 -13.44
CA GLU A 58 4.38 -18.22 -13.47
C GLU A 58 5.87 -17.96 -13.67
N VAL A 59 6.17 -16.88 -14.40
CA VAL A 59 7.55 -16.43 -14.56
C VAL A 59 7.60 -14.94 -14.25
N ASP A 60 8.64 -14.54 -13.55
CA ASP A 60 8.81 -13.17 -13.08
C ASP A 60 9.86 -12.47 -13.91
N LEU A 61 9.51 -11.31 -14.47
CA LEU A 61 10.35 -10.57 -15.39
C LEU A 61 10.61 -9.19 -14.85
N VAL A 62 11.83 -8.70 -15.04
CA VAL A 62 12.19 -7.32 -14.72
C VAL A 62 12.64 -6.64 -16.01
N TYR A 63 12.03 -5.52 -16.34
CA TYR A 63 12.25 -4.88 -17.63
C TYR A 63 11.92 -3.40 -17.48
N TYR A 64 12.35 -2.63 -18.47
CA TYR A 64 11.96 -1.24 -18.68
C TYR A 64 10.98 -1.22 -19.84
N GLU A 65 9.87 -0.51 -19.66
CA GLU A 65 8.87 -0.39 -20.72
C GLU A 65 8.87 1.03 -21.27
N GLN A 66 9.50 1.22 -22.42
CA GLN A 66 9.56 2.54 -23.01
C GLN A 66 8.24 2.86 -23.70
N GLN A 67 7.66 4.01 -23.38
CA GLN A 67 6.38 4.42 -23.96
C GLN A 67 6.55 5.81 -24.53
N ARG A 68 6.09 6.02 -25.77
CA ARG A 68 6.21 7.32 -26.42
C ARG A 68 4.96 7.61 -27.23
N TRP A 69 4.48 8.85 -27.12
CA TRP A 69 3.30 9.32 -27.83
C TRP A 69 3.43 10.83 -27.91
N LYS A 70 2.51 11.47 -28.62
CA LYS A 70 2.59 12.87 -28.96
C LYS A 70 1.21 13.51 -28.93
N LEU A 71 1.08 14.62 -28.20
CA LEU A 71 -0.17 15.34 -28.06
C LEU A 71 0.00 16.77 -28.58
N ASN A 72 -0.93 17.21 -29.42
CA ASN A 72 -0.88 18.61 -29.85
C ASN A 72 -1.17 19.54 -28.69
N SER A 73 -1.93 19.10 -27.69
CA SER A 73 -2.24 20.00 -26.58
C SER A 73 -1.06 20.22 -25.67
N LEU A 74 0.03 19.48 -25.86
CA LEU A 74 1.22 19.67 -25.05
C LEU A 74 2.33 20.40 -25.77
N MET A 75 2.06 20.96 -26.95
CA MET A 75 3.12 21.64 -27.66
C MET A 75 3.18 23.12 -27.24
N TRP A 76 4.34 23.73 -27.45
CA TRP A 76 4.51 25.13 -27.10
C TRP A 76 5.66 25.71 -27.92
N ASP A 77 5.66 27.04 -28.00
CA ASP A 77 6.73 27.77 -28.67
C ASP A 77 7.82 28.08 -27.65
N PRO A 78 9.01 27.50 -27.79
CA PRO A 78 10.10 27.85 -26.86
C PRO A 78 10.36 29.35 -26.77
N ASN A 79 10.09 30.11 -27.84
CA ASN A 79 10.35 31.55 -27.80
C ASN A 79 9.50 32.25 -26.76
N GLU A 80 8.29 31.75 -26.50
CA GLU A 80 7.43 32.34 -25.49
C GLU A 80 7.82 31.95 -24.07
N TYR A 81 8.81 31.09 -23.89
CA TYR A 81 9.12 30.52 -22.58
C TYR A 81 10.63 30.43 -22.35
N GLY A 82 11.38 31.44 -22.77
CA GLY A 82 12.80 31.51 -22.45
C GLY A 82 13.63 30.44 -23.11
N ASN A 83 13.20 29.97 -24.29
CA ASN A 83 13.90 28.92 -25.04
C ASN A 83 13.89 27.56 -24.33
N ILE A 84 12.92 27.30 -23.46
CA ILE A 84 12.79 25.99 -22.84
C ILE A 84 12.27 25.03 -23.90
N THR A 85 13.01 23.96 -24.17
CA THR A 85 12.63 23.04 -25.23
C THR A 85 11.99 21.74 -24.73
N ASP A 86 12.13 21.44 -23.45
CA ASP A 86 11.56 20.24 -22.87
C ASP A 86 11.58 20.37 -21.36
N PHE A 87 10.87 19.47 -20.69
CA PHE A 87 10.85 19.46 -19.23
C PHE A 87 10.49 18.08 -18.72
N ARG A 88 10.85 17.83 -17.47
CA ARG A 88 10.50 16.62 -16.74
C ARG A 88 9.30 16.89 -15.86
N THR A 89 8.47 15.87 -15.67
CA THR A 89 7.27 16.00 -14.87
C THR A 89 6.90 14.60 -14.38
N SER A 90 6.44 14.55 -13.14
CA SER A 90 5.74 13.38 -12.62
C SER A 90 4.72 12.86 -13.61
N ALA A 91 4.77 11.55 -13.87
CA ALA A 91 3.81 10.96 -14.79
C ALA A 91 2.37 11.13 -14.32
N ALA A 92 2.17 11.43 -13.04
CA ALA A 92 0.82 11.60 -12.50
C ALA A 92 0.21 12.94 -12.86
N ASP A 93 0.98 13.90 -13.36
CA ASP A 93 0.44 15.19 -13.74
C ASP A 93 0.01 15.26 -15.19
N ILE A 94 0.25 14.20 -15.96
CA ILE A 94 -0.14 14.17 -17.36
C ILE A 94 -0.97 12.92 -17.61
N TRP A 95 -1.59 12.89 -18.77
CA TRP A 95 -2.29 11.70 -19.22
C TRP A 95 -1.28 10.65 -19.69
N THR A 96 -1.51 9.39 -19.30
CA THR A 96 -0.69 8.27 -19.70
C THR A 96 -1.55 7.15 -20.28
N PRO A 97 -1.05 6.44 -21.29
CA PRO A 97 -1.84 5.35 -21.88
C PRO A 97 -2.04 4.18 -20.91
N ASP A 98 -3.10 3.42 -21.17
CA ASP A 98 -3.48 2.27 -20.33
C ASP A 98 -2.91 0.95 -20.83
N ILE A 99 -1.63 0.93 -21.24
CA ILE A 99 -1.05 -0.29 -21.79
C ILE A 99 -0.80 -1.28 -20.66
N THR A 100 -1.20 -2.54 -20.87
CA THR A 100 -1.35 -3.51 -19.80
C THR A 100 -0.84 -4.85 -20.29
N ALA A 101 -0.17 -5.61 -19.44
CA ALA A 101 -0.01 -7.02 -19.74
C ALA A 101 -1.36 -7.74 -19.66
N TYR A 102 -1.65 -8.59 -20.66
CA TYR A 102 -2.93 -9.27 -20.73
C TYR A 102 -2.95 -10.57 -19.94
N SER A 103 -1.80 -11.15 -19.62
CA SER A 103 -1.74 -12.45 -18.97
C SER A 103 -0.88 -12.40 -17.71
N SER A 104 -0.91 -11.28 -16.99
CA SER A 104 -0.25 -11.22 -15.70
C SER A 104 -1.05 -12.01 -14.66
N THR A 105 -0.35 -12.44 -13.62
CA THR A 105 -0.95 -13.16 -12.51
C THR A 105 -0.80 -12.43 -11.19
N ARG A 106 -0.14 -11.28 -11.16
CA ARG A 106 0.01 -10.45 -9.97
C ARG A 106 -0.01 -8.99 -10.41
N PRO A 107 -0.27 -8.07 -9.48
CA PRO A 107 -0.12 -6.64 -9.81
C PRO A 107 1.32 -6.32 -10.20
N VAL A 108 1.46 -5.51 -11.25
CA VAL A 108 2.78 -4.99 -11.62
C VAL A 108 3.41 -4.29 -10.42
N GLN A 109 4.71 -4.50 -10.23
CA GLN A 109 5.48 -3.73 -9.26
C GLN A 109 6.35 -2.74 -10.01
N VAL A 110 6.28 -1.47 -9.60
CA VAL A 110 7.06 -0.41 -10.23
C VAL A 110 8.39 -0.28 -9.48
N LEU A 111 9.50 -0.32 -10.21
CA LEU A 111 10.82 -0.36 -9.62
C LEU A 111 11.57 0.95 -9.71
N SER A 112 10.98 1.96 -10.34
CA SER A 112 11.68 3.19 -10.64
C SER A 112 10.71 4.37 -10.37
N PRO A 113 11.27 5.58 -10.25
CA PRO A 113 10.38 6.76 -10.30
C PRO A 113 9.51 6.72 -11.54
N GLN A 114 8.41 7.43 -11.53
CA GLN A 114 7.56 7.51 -12.71
C GLN A 114 7.53 8.96 -13.17
N ILE A 115 8.42 9.28 -14.10
CA ILE A 115 8.67 10.64 -14.52
C ILE A 115 8.82 10.61 -16.03
N ALA A 116 8.11 11.51 -16.70
CA ALA A 116 8.10 11.59 -18.16
C ALA A 116 8.81 12.85 -18.61
N VAL A 117 9.24 12.84 -19.87
CA VAL A 117 9.87 14.01 -20.46
C VAL A 117 8.97 14.48 -21.58
N VAL A 118 8.56 15.74 -21.51
CA VAL A 118 7.72 16.38 -22.52
C VAL A 118 8.61 17.34 -23.28
N THR A 119 8.54 17.31 -24.61
CA THR A 119 9.26 18.25 -25.46
C THR A 119 8.29 19.21 -26.15
N HIS A 120 8.85 20.32 -26.66
CA HIS A 120 8.04 21.45 -27.10
C HIS A 120 7.11 21.11 -28.26
N ASP A 121 7.39 20.05 -29.02
CA ASP A 121 6.48 19.61 -30.07
C ASP A 121 5.36 18.71 -29.55
N GLY A 122 5.25 18.55 -28.22
CA GLY A 122 4.18 17.77 -27.63
C GLY A 122 4.45 16.29 -27.47
N SER A 123 5.64 15.82 -27.82
CA SER A 123 5.95 14.42 -27.66
C SER A 123 6.31 14.12 -26.20
N VAL A 124 5.96 12.91 -25.75
CA VAL A 124 6.18 12.48 -24.39
C VAL A 124 6.97 11.19 -24.40
N MET A 125 7.90 11.03 -23.46
CA MET A 125 8.60 9.78 -23.26
C MET A 125 8.51 9.39 -21.80
N PHE A 126 8.28 8.10 -21.56
CA PHE A 126 8.03 7.61 -20.21
C PHE A 126 8.61 6.20 -20.18
N ILE A 127 9.55 5.96 -19.26
CA ILE A 127 10.29 4.69 -19.24
C ILE A 127 10.31 4.13 -17.82
N PRO A 128 9.19 3.58 -17.34
CA PRO A 128 9.21 2.96 -16.01
C PRO A 128 9.79 1.56 -16.03
N ALA A 129 10.54 1.23 -14.98
CA ALA A 129 10.99 -0.11 -14.70
C ALA A 129 9.91 -0.89 -13.93
N GLN A 130 9.83 -2.19 -14.19
CA GLN A 130 8.70 -2.98 -13.72
C GLN A 130 9.14 -4.42 -13.49
N ARG A 131 8.55 -5.04 -12.47
CA ARG A 131 8.56 -6.48 -12.30
C ARG A 131 7.17 -7.05 -12.55
N LEU A 132 7.10 -8.07 -13.40
CA LEU A 132 5.86 -8.66 -13.86
C LEU A 132 5.93 -10.16 -13.69
N SER A 133 4.94 -10.70 -12.96
CA SER A 133 4.60 -12.13 -12.98
C SER A 133 3.55 -12.38 -14.05
N PHE A 134 3.78 -13.38 -14.89
CA PHE A 134 2.81 -13.66 -15.92
C PHE A 134 2.80 -15.15 -16.19
N MET A 135 1.75 -15.59 -16.89
CA MET A 135 1.52 -17.00 -17.16
C MET A 135 2.55 -17.55 -18.13
N CYS A 136 3.25 -18.59 -17.72
CA CYS A 136 4.32 -19.15 -18.53
C CYS A 136 4.69 -20.55 -18.06
N ASP A 137 4.69 -21.51 -18.99
CA ASP A 137 5.09 -22.87 -18.67
C ASP A 137 6.59 -23.03 -18.96
N PRO A 138 7.43 -23.18 -17.95
CA PRO A 138 8.88 -23.19 -18.19
C PRO A 138 9.45 -24.58 -18.48
N THR A 139 8.60 -25.48 -18.92
CA THR A 139 9.02 -26.81 -19.37
C THR A 139 10.08 -26.71 -20.45
N GLY A 140 11.18 -27.43 -20.26
CA GLY A 140 12.29 -27.35 -21.17
C GLY A 140 13.36 -26.34 -20.78
N VAL A 141 13.18 -25.61 -19.69
CA VAL A 141 14.15 -24.58 -19.33
C VAL A 141 15.48 -25.23 -18.91
N ASP A 142 15.45 -26.50 -18.52
CA ASP A 142 16.63 -27.27 -18.15
C ASP A 142 17.23 -28.03 -19.31
N SER A 143 17.04 -27.55 -20.55
CA SER A 143 17.49 -28.26 -21.73
C SER A 143 18.19 -27.29 -22.67
N GLU A 144 18.81 -27.86 -23.70
CA GLU A 144 19.46 -27.03 -24.71
C GLU A 144 18.46 -26.18 -25.47
N GLU A 145 17.29 -26.73 -25.76
CA GLU A 145 16.28 -25.99 -26.50
C GLU A 145 15.72 -24.84 -25.67
N GLY A 146 15.56 -25.05 -24.36
CA GLY A 146 15.06 -24.02 -23.49
C GLY A 146 13.55 -23.98 -23.46
N ALA A 147 13.03 -22.97 -22.76
CA ALA A 147 11.60 -22.74 -22.67
C ALA A 147 11.24 -21.49 -23.45
N THR A 148 10.00 -21.43 -23.91
CA THR A 148 9.49 -20.30 -24.65
C THR A 148 8.24 -19.80 -23.96
N CYS A 149 8.16 -18.50 -23.74
CA CYS A 149 6.97 -17.94 -23.12
C CYS A 149 6.62 -16.61 -23.79
N ALA A 150 5.39 -16.16 -23.56
CA ALA A 150 4.94 -15.00 -24.30
C ALA A 150 3.89 -14.28 -23.48
N VAL A 151 3.86 -12.96 -23.63
CA VAL A 151 2.83 -12.13 -23.01
C VAL A 151 2.54 -10.97 -23.94
N LYS A 152 1.25 -10.67 -24.09
CA LYS A 152 0.79 -9.57 -24.91
C LYS A 152 0.55 -8.33 -24.06
N PHE A 153 0.85 -7.18 -24.64
CA PHE A 153 0.58 -5.88 -24.03
C PHE A 153 -0.30 -5.09 -24.97
N GLY A 154 -1.26 -4.37 -24.41
CA GLY A 154 -2.14 -3.56 -25.23
C GLY A 154 -3.00 -2.68 -24.34
N SER A 155 -3.74 -1.79 -25.00
CA SER A 155 -4.64 -0.91 -24.24
C SER A 155 -5.76 -1.74 -23.61
N TRP A 156 -6.30 -1.24 -22.51
CA TRP A 156 -7.34 -1.97 -21.81
C TRP A 156 -8.74 -1.62 -22.28
N VAL A 157 -8.97 -0.40 -22.76
CA VAL A 157 -10.29 0.06 -23.14
C VAL A 157 -10.36 0.64 -24.55
N TYR A 158 -9.22 0.76 -25.25
CA TYR A 158 -9.17 1.39 -26.57
C TYR A 158 -8.84 0.38 -27.65
N SER A 159 -9.53 0.47 -28.78
CA SER A 159 -9.22 -0.31 -29.96
C SER A 159 -8.18 0.41 -30.81
N GLY A 160 -7.83 -0.23 -31.93
CA GLY A 160 -6.91 0.34 -32.88
C GLY A 160 -7.34 1.64 -33.51
N PHE A 161 -8.64 1.96 -33.49
CA PHE A 161 -9.11 3.24 -34.00
C PHE A 161 -8.88 4.41 -33.05
N GLU A 162 -8.56 4.16 -31.79
CA GLU A 162 -8.26 5.21 -30.83
C GLU A 162 -6.80 5.25 -30.41
N ILE A 163 -6.23 4.09 -30.10
CA ILE A 163 -4.80 3.96 -29.83
C ILE A 163 -4.25 2.95 -30.80
N ASP A 164 -3.33 3.39 -31.64
CA ASP A 164 -2.52 2.55 -32.50
C ASP A 164 -1.22 2.26 -31.76
N LEU A 165 -0.84 1.01 -31.69
CA LEU A 165 0.34 0.56 -30.96
C LEU A 165 1.44 0.24 -31.96
N LYS A 166 2.68 0.68 -31.67
CA LYS A 166 3.77 0.45 -32.60
C LYS A 166 5.08 0.18 -31.84
N THR A 167 5.98 -0.55 -32.52
CA THR A 167 7.34 -0.73 -32.05
C THR A 167 8.32 -0.17 -33.08
N ASP A 168 9.47 0.31 -32.61
CA ASP A 168 10.50 0.76 -33.53
C ASP A 168 11.34 -0.38 -34.06
N THR A 169 11.34 -1.52 -33.38
CA THR A 169 12.02 -2.72 -33.82
C THR A 169 11.32 -3.90 -33.17
N ASP A 170 11.53 -5.10 -33.71
CA ASP A 170 10.99 -6.26 -33.04
C ASP A 170 12.03 -7.02 -32.22
N GLN A 171 13.20 -6.45 -32.02
CA GLN A 171 14.19 -7.09 -31.15
C GLN A 171 14.12 -6.40 -29.79
N VAL A 172 13.90 -7.19 -28.74
CA VAL A 172 13.97 -6.65 -27.40
C VAL A 172 15.42 -6.26 -27.13
N ASP A 173 15.59 -5.10 -26.51
CA ASP A 173 16.93 -4.65 -26.12
C ASP A 173 17.43 -5.54 -24.98
N LEU A 174 18.44 -6.36 -25.28
CA LEU A 174 19.06 -7.24 -24.30
C LEU A 174 20.46 -6.76 -23.91
N SER A 175 20.79 -5.51 -24.17
CA SER A 175 22.16 -5.06 -23.91
C SER A 175 22.43 -4.83 -22.42
N SER A 176 21.39 -4.66 -21.59
CA SER A 176 21.56 -4.57 -20.14
C SER A 176 21.05 -5.80 -19.42
N TYR A 177 20.83 -6.91 -20.15
CA TYR A 177 20.43 -8.14 -19.49
C TYR A 177 21.49 -8.58 -18.49
N TYR A 178 21.05 -8.89 -17.27
CA TYR A 178 21.93 -9.30 -16.18
C TYR A 178 22.74 -10.55 -16.56
N ALA A 179 24.07 -10.37 -16.68
CA ALA A 179 24.94 -11.44 -17.18
C ALA A 179 25.02 -12.63 -16.24
N SER A 180 24.71 -12.47 -14.95
CA SER A 180 24.75 -13.60 -14.03
C SER A 180 23.35 -14.04 -13.60
N SER A 181 22.35 -13.78 -14.43
CA SER A 181 21.01 -14.27 -14.16
C SER A 181 21.00 -15.78 -14.08
N LYS A 182 20.03 -16.33 -13.35
CA LYS A 182 19.80 -17.78 -13.34
C LYS A 182 19.39 -18.29 -14.69
N TYR A 183 18.98 -17.40 -15.59
CA TYR A 183 18.50 -17.77 -16.92
C TYR A 183 19.21 -16.92 -17.97
N GLU A 184 19.71 -17.57 -19.01
CA GLU A 184 20.25 -16.86 -20.16
C GLU A 184 19.17 -16.73 -21.23
N ILE A 185 19.23 -15.64 -21.96
CA ILE A 185 18.26 -15.37 -23.01
C ILE A 185 18.74 -15.99 -24.31
N LEU A 186 17.89 -16.81 -24.94
CA LEU A 186 18.15 -17.29 -26.29
C LEU A 186 17.64 -16.33 -27.34
N SER A 187 16.42 -15.82 -27.18
CA SER A 187 15.95 -14.74 -28.03
C SER A 187 14.83 -14.01 -27.31
N ALA A 188 14.56 -12.80 -27.77
CA ALA A 188 13.49 -12.01 -27.18
C ALA A 188 12.97 -11.06 -28.25
N THR A 189 11.69 -11.17 -28.58
CA THR A 189 11.07 -10.34 -29.61
C THR A 189 9.81 -9.65 -29.10
N GLN A 190 9.55 -8.47 -29.68
CA GLN A 190 8.39 -7.63 -29.38
C GLN A 190 7.73 -7.35 -30.71
N THR A 191 6.60 -8.00 -30.97
CA THR A 191 5.97 -7.97 -32.29
C THR A 191 4.57 -7.40 -32.21
N ARG A 192 4.30 -6.41 -33.05
CA ARG A 192 2.96 -5.87 -33.21
C ARG A 192 2.06 -6.92 -33.83
N GLN A 193 0.93 -7.19 -33.18
CA GLN A 193 -0.13 -8.05 -33.72
C GLN A 193 -1.36 -7.20 -33.93
N VAL A 194 -2.05 -7.42 -35.05
CA VAL A 194 -3.37 -6.84 -35.28
C VAL A 194 -4.39 -7.97 -35.26
N GLN A 195 -5.35 -7.87 -34.36
CA GLN A 195 -6.40 -8.86 -34.16
C GLN A 195 -7.72 -8.35 -34.73
N HIS A 196 -8.43 -9.25 -35.42
CA HIS A 196 -9.75 -8.97 -35.97
C HIS A 196 -10.74 -9.98 -35.41
N TYR A 197 -11.86 -9.49 -34.92
CA TYR A 197 -12.94 -10.35 -34.50
C TYR A 197 -14.03 -10.26 -35.55
N SER A 198 -14.72 -11.38 -35.79
CA SER A 198 -15.66 -11.44 -36.89
C SER A 198 -16.91 -10.61 -36.60
N CYS A 199 -17.19 -10.34 -35.33
CA CYS A 199 -18.28 -9.50 -34.90
C CYS A 199 -18.11 -8.04 -35.28
N CYS A 200 -16.87 -7.62 -35.51
CA CYS A 200 -16.52 -6.26 -35.23
C CYS A 200 -15.61 -5.72 -36.33
N PRO A 201 -15.93 -4.55 -36.88
CA PRO A 201 -15.05 -4.02 -37.94
C PRO A 201 -13.75 -3.44 -37.42
N GLU A 202 -13.72 -2.93 -36.19
CA GLU A 202 -12.51 -2.27 -35.71
C GLU A 202 -11.44 -3.29 -35.28
N PRO A 203 -10.17 -2.98 -35.52
CA PRO A 203 -9.08 -3.87 -35.10
C PRO A 203 -8.68 -3.67 -33.65
N TYR A 204 -8.03 -4.68 -33.09
CA TYR A 204 -7.41 -4.58 -31.77
C TYR A 204 -5.92 -4.88 -31.90
N ILE A 205 -5.09 -4.06 -31.26
CA ILE A 205 -3.63 -4.09 -31.43
C ILE A 205 -2.97 -4.49 -30.13
N ASP A 206 -2.05 -5.44 -30.21
CA ASP A 206 -1.21 -5.73 -29.07
C ASP A 206 0.23 -5.86 -29.53
N VAL A 207 1.15 -5.76 -28.58
CA VAL A 207 2.55 -6.09 -28.80
C VAL A 207 2.82 -7.38 -28.04
N ASN A 208 3.18 -8.43 -28.76
CA ASN A 208 3.50 -9.74 -28.20
C ASN A 208 4.99 -9.83 -27.85
N LEU A 209 5.29 -10.05 -26.57
CA LEU A 209 6.65 -10.23 -26.06
C LEU A 209 6.93 -11.72 -25.93
N VAL A 210 7.83 -12.24 -26.75
CA VAL A 210 8.17 -13.67 -26.76
C VAL A 210 9.62 -13.82 -26.28
N VAL A 211 9.81 -14.56 -25.20
CA VAL A 211 11.13 -14.78 -24.62
C VAL A 211 11.45 -16.27 -24.64
N LYS A 212 12.53 -16.64 -25.31
CA LYS A 212 13.09 -17.99 -25.28
C LYS A 212 14.31 -17.95 -24.37
N PHE A 213 14.34 -18.85 -23.38
CA PHE A 213 15.31 -18.77 -22.31
C PHE A 213 15.60 -20.15 -21.76
N ARG A 214 16.72 -20.26 -21.05
CA ARG A 214 17.09 -21.52 -20.39
C ARG A 214 18.00 -21.23 -19.21
N GLU A 215 18.10 -22.21 -18.32
CA GLU A 215 18.86 -22.07 -17.09
C GLU A 215 20.34 -21.80 -17.30
N LYS B 8 8.95 30.91 23.44
CA LYS B 8 8.71 29.67 22.70
C LYS B 8 7.71 29.90 21.58
N LEU B 9 6.63 30.62 21.89
CA LEU B 9 5.58 30.86 20.90
C LEU B 9 6.07 31.77 19.78
N HIS B 10 6.95 32.72 20.11
CA HIS B 10 7.49 33.60 19.08
C HIS B 10 8.32 32.80 18.08
N SER B 11 9.11 31.85 18.57
CA SER B 11 9.93 31.04 17.66
C SER B 11 9.09 30.11 16.81
N GLN B 12 8.05 29.51 17.38
CA GLN B 12 7.14 28.67 16.61
C GLN B 12 6.46 29.47 15.50
N ALA B 13 6.11 30.72 15.80
CA ALA B 13 5.49 31.57 14.78
C ALA B 13 6.49 31.89 13.68
N ASN B 14 7.74 32.14 14.06
CA ASN B 14 8.78 32.39 13.07
C ASN B 14 9.02 31.18 12.20
N LEU B 15 9.06 30.00 12.82
CA LEU B 15 9.26 28.77 12.05
C LEU B 15 8.15 28.57 11.03
N MET B 16 6.91 28.86 11.41
CA MET B 16 5.79 28.62 10.50
C MET B 16 5.74 29.66 9.40
N ARG B 17 6.09 30.90 9.71
CA ARG B 17 6.13 31.90 8.64
C ARG B 17 7.28 31.62 7.69
N LEU B 18 8.42 31.17 8.20
CA LEU B 18 9.52 30.78 7.33
C LEU B 18 9.13 29.64 6.39
N LYS B 19 8.55 28.57 6.94
CA LYS B 19 8.21 27.41 6.13
C LYS B 19 7.15 27.76 5.10
N SER B 20 6.19 28.61 5.47
CA SER B 20 5.19 29.07 4.52
C SER B 20 5.84 29.85 3.39
N ASP B 21 6.72 30.80 3.73
CA ASP B 21 7.41 31.60 2.71
C ASP B 21 8.16 30.71 1.73
N LEU B 22 8.98 29.81 2.24
CA LEU B 22 9.75 28.93 1.38
C LEU B 22 8.85 28.03 0.53
N PHE B 23 7.91 27.35 1.17
CA PHE B 23 7.11 26.36 0.45
C PHE B 23 6.11 27.00 -0.50
N ASN B 24 5.82 28.30 -0.34
CA ASN B 24 4.88 29.01 -1.19
C ASN B 24 5.57 30.08 -2.02
N ARG B 25 6.80 29.79 -2.44
CA ARG B 25 7.61 30.74 -3.19
C ARG B 25 6.97 30.92 -4.56
N SER B 26 7.22 32.06 -5.20
CA SER B 26 6.45 32.33 -6.40
C SER B 26 7.11 31.72 -7.61
N PRO B 27 8.41 31.82 -7.79
CA PRO B 27 9.06 30.90 -8.73
C PRO B 27 9.30 29.56 -8.01
N MET B 28 8.37 28.59 -8.03
CA MET B 28 8.59 27.31 -7.37
C MET B 28 9.69 26.52 -8.05
N TYR B 29 10.22 25.49 -7.36
CA TYR B 29 11.40 24.76 -7.83
C TYR B 29 11.01 23.57 -8.68
N PRO B 30 11.23 23.64 -10.00
CA PRO B 30 10.80 22.56 -10.88
C PRO B 30 11.80 21.43 -11.07
N GLY B 31 12.77 21.27 -10.18
CA GLY B 31 13.88 20.41 -10.46
C GLY B 31 14.97 21.07 -11.29
N PRO B 32 16.07 20.37 -11.51
CA PRO B 32 17.23 21.00 -12.13
C PRO B 32 17.18 21.02 -13.65
N THR B 33 17.91 21.98 -14.22
CA THR B 33 18.00 22.17 -15.66
C THR B 33 19.46 22.34 -16.05
N LYS B 34 19.74 22.25 -17.35
CA LYS B 34 21.09 22.51 -17.82
C LYS B 34 21.56 23.90 -17.42
N ASP B 35 20.67 24.89 -17.45
CA ASP B 35 21.02 26.24 -17.03
C ASP B 35 21.14 26.34 -15.52
N ASP B 36 20.55 25.44 -14.76
CA ASP B 36 20.52 25.54 -13.30
C ASP B 36 20.78 24.16 -12.68
N PRO B 37 21.95 23.57 -12.93
CA PRO B 37 22.19 22.18 -12.53
C PRO B 37 22.37 22.05 -11.03
N LEU B 38 22.44 20.80 -10.59
CA LEU B 38 22.48 20.52 -9.17
C LEU B 38 23.43 19.36 -8.88
N THR B 39 24.11 19.44 -7.74
CA THR B 39 25.02 18.41 -7.28
C THR B 39 24.37 17.68 -6.10
N VAL B 40 24.24 16.37 -6.21
CA VAL B 40 23.72 15.53 -5.14
C VAL B 40 24.87 14.71 -4.63
N THR B 41 25.09 14.76 -3.33
CA THR B 41 26.09 13.92 -2.68
C THR B 41 25.40 12.75 -2.00
N LEU B 42 25.99 11.57 -2.19
CA LEU B 42 25.44 10.29 -1.77
C LEU B 42 26.43 9.53 -0.92
N GLY B 43 25.96 9.00 0.20
CA GLY B 43 26.78 8.11 1.01
C GLY B 43 25.95 6.96 1.54
N PHE B 44 26.56 5.79 1.62
CA PHE B 44 25.87 4.61 2.13
C PHE B 44 26.44 4.21 3.48
N THR B 45 25.55 3.91 4.44
CA THR B 45 25.87 3.26 5.69
C THR B 45 25.24 1.89 5.62
N LEU B 46 26.05 0.84 5.40
CA LEU B 46 25.51 -0.50 5.24
C LEU B 46 25.30 -1.18 6.58
N GLN B 47 24.08 -1.63 6.84
CA GLN B 47 23.79 -2.22 8.14
C GLN B 47 23.70 -3.73 8.13
N ASP B 48 23.31 -4.32 7.02
CA ASP B 48 23.07 -5.75 7.03
C ASP B 48 22.86 -6.26 5.63
N ILE B 49 23.42 -7.43 5.35
CA ILE B 49 23.04 -8.24 4.23
C ILE B 49 22.13 -9.29 4.82
N VAL B 50 20.83 -9.12 4.63
CA VAL B 50 19.85 -9.97 5.28
C VAL B 50 19.81 -11.34 4.62
N LYS B 51 19.72 -11.37 3.30
CA LYS B 51 19.42 -12.61 2.61
C LYS B 51 20.17 -12.65 1.30
N ALA B 52 20.67 -13.83 0.96
CA ALA B 52 21.28 -14.09 -0.33
C ALA B 52 20.60 -15.34 -0.87
N ASP B 53 19.96 -15.22 -2.01
CA ASP B 53 19.07 -16.25 -2.54
C ASP B 53 19.67 -16.78 -3.83
N SER B 54 20.30 -17.94 -3.76
CA SER B 54 20.96 -18.48 -4.94
C SER B 54 20.00 -19.18 -5.88
N SER B 55 18.73 -19.31 -5.53
CA SER B 55 17.78 -19.88 -6.47
C SER B 55 17.22 -18.83 -7.44
N THR B 56 17.29 -17.54 -7.09
CA THR B 56 16.87 -16.48 -7.98
C THR B 56 17.95 -15.44 -8.23
N ASN B 57 19.12 -15.55 -7.59
CA ASN B 57 20.19 -14.56 -7.68
C ASN B 57 19.68 -13.15 -7.37
N GLU B 58 19.15 -13.02 -6.16
CA GLU B 58 18.74 -11.78 -5.54
C GLU B 58 19.43 -11.70 -4.19
N VAL B 59 19.84 -10.51 -3.79
CA VAL B 59 20.41 -10.28 -2.47
C VAL B 59 19.72 -9.07 -1.87
N ASP B 60 19.50 -9.11 -0.56
CA ASP B 60 18.73 -8.10 0.14
C ASP B 60 19.65 -7.31 1.07
N LEU B 61 19.72 -6.01 0.87
CA LEU B 61 20.55 -5.13 1.68
C LEU B 61 19.69 -4.21 2.51
N VAL B 62 20.13 -3.96 3.74
CA VAL B 62 19.58 -2.90 4.58
C VAL B 62 20.69 -1.89 4.82
N TYR B 63 20.43 -0.63 4.49
CA TYR B 63 21.40 0.46 4.59
C TYR B 63 20.68 1.78 4.83
N TYR B 64 21.47 2.80 5.20
CA TYR B 64 21.04 4.19 5.21
C TYR B 64 21.61 4.85 3.96
N GLU B 65 20.81 5.62 3.27
CA GLU B 65 21.23 6.31 2.06
C GLU B 65 21.19 7.81 2.31
N GLN B 66 22.35 8.38 2.61
CA GLN B 66 22.44 9.79 2.85
C GLN B 66 22.48 10.57 1.55
N GLN B 67 21.63 11.59 1.46
CA GLN B 67 21.52 12.44 0.28
C GLN B 67 21.64 13.88 0.71
N ARG B 68 22.48 14.64 0.00
CA ARG B 68 22.70 16.05 0.29
C ARG B 68 22.65 16.79 -1.02
N TRP B 69 22.01 17.94 -1.01
CA TRP B 69 21.98 18.85 -2.14
C TRP B 69 21.70 20.23 -1.59
N LYS B 70 21.74 21.23 -2.46
CA LYS B 70 21.57 22.62 -2.04
C LYS B 70 20.83 23.41 -3.11
N LEU B 71 19.82 24.16 -2.68
CA LEU B 71 19.05 25.03 -3.56
C LEU B 71 19.16 26.47 -3.08
N ASN B 72 19.34 27.39 -4.03
CA ASN B 72 19.28 28.81 -3.70
C ASN B 72 17.88 29.23 -3.25
N SER B 73 16.85 28.56 -3.76
CA SER B 73 15.48 28.93 -3.41
C SER B 73 15.07 28.43 -2.03
N LEU B 74 15.94 27.70 -1.33
CA LEU B 74 15.71 27.33 0.05
C LEU B 74 16.57 28.13 1.02
N MET B 75 17.25 29.18 0.54
CA MET B 75 18.06 30.06 1.36
C MET B 75 17.19 31.08 2.07
N TRP B 76 17.56 31.40 3.31
CA TRP B 76 16.94 32.51 4.03
C TRP B 76 17.98 33.14 4.93
N ASP B 77 17.70 34.38 5.35
CA ASP B 77 18.54 35.09 6.29
C ASP B 77 18.02 34.83 7.69
N PRO B 78 18.80 34.20 8.57
CA PRO B 78 18.30 33.88 9.91
C PRO B 78 17.81 35.10 10.68
N ASN B 79 18.47 36.24 10.51
CA ASN B 79 18.11 37.46 11.24
C ASN B 79 16.69 37.90 10.94
N GLU B 80 16.18 37.57 9.75
CA GLU B 80 14.82 37.92 9.40
C GLU B 80 13.78 36.96 9.98
N TYR B 81 14.21 35.86 10.58
CA TYR B 81 13.31 34.83 11.08
C TYR B 81 13.69 34.40 12.49
N GLY B 82 13.98 35.38 13.36
CA GLY B 82 14.23 35.11 14.76
C GLY B 82 15.42 34.21 15.02
N ASN B 83 16.46 34.30 14.20
CA ASN B 83 17.70 33.53 14.32
C ASN B 83 17.51 32.03 14.05
N ILE B 84 16.45 31.64 13.35
CA ILE B 84 16.28 30.25 12.93
C ILE B 84 17.33 29.91 11.88
N THR B 85 18.16 28.90 12.17
CA THR B 85 19.23 28.48 11.27
C THR B 85 18.92 27.23 10.47
N ASP B 86 17.86 26.49 10.83
CA ASP B 86 17.52 25.23 10.18
C ASP B 86 16.18 24.74 10.73
N PHE B 87 15.55 23.84 9.97
CA PHE B 87 14.32 23.22 10.41
C PHE B 87 14.20 21.82 9.85
N ARG B 88 13.35 21.02 10.49
CA ARG B 88 12.98 19.69 10.05
C ARG B 88 11.68 19.77 9.27
N THR B 89 11.61 18.99 8.20
CA THR B 89 10.38 18.96 7.42
C THR B 89 10.22 17.60 6.76
N SER B 90 8.98 17.11 6.74
CA SER B 90 8.66 15.91 5.98
C SER B 90 9.25 16.00 4.58
N ALA B 91 9.93 14.92 4.15
CA ALA B 91 10.51 14.91 2.81
C ALA B 91 9.47 15.15 1.72
N ALA B 92 8.19 14.87 2.01
CA ALA B 92 7.14 15.04 1.02
C ALA B 92 6.88 16.49 0.69
N ASP B 93 7.27 17.40 1.58
CA ASP B 93 7.02 18.83 1.42
C ASP B 93 8.09 19.57 0.64
N ILE B 94 9.18 18.89 0.26
CA ILE B 94 10.20 19.53 -0.54
C ILE B 94 10.45 18.66 -1.77
N TRP B 95 11.07 19.28 -2.78
CA TRP B 95 11.64 18.51 -3.86
C TRP B 95 12.73 17.60 -3.31
N THR B 96 12.80 16.37 -3.84
CA THR B 96 13.89 15.47 -3.54
C THR B 96 14.36 14.84 -4.84
N PRO B 97 15.61 14.38 -4.92
CA PRO B 97 16.11 13.87 -6.19
C PRO B 97 15.61 12.46 -6.47
N ASP B 98 15.63 12.11 -7.76
CA ASP B 98 15.11 10.85 -8.25
C ASP B 98 16.17 9.76 -8.32
N ILE B 99 17.04 9.66 -7.32
CA ILE B 99 18.16 8.70 -7.34
C ILE B 99 17.62 7.29 -7.14
N THR B 100 18.06 6.37 -7.97
CA THR B 100 17.42 5.06 -8.09
C THR B 100 18.45 3.96 -8.24
N ALA B 101 18.23 2.85 -7.55
CA ALA B 101 18.98 1.64 -7.83
C ALA B 101 18.61 1.17 -9.23
N TYR B 102 19.62 0.86 -10.04
CA TYR B 102 19.35 0.52 -11.43
C TYR B 102 19.09 -0.96 -11.67
N SER B 103 19.28 -1.80 -10.66
CA SER B 103 19.12 -3.24 -10.85
C SER B 103 18.40 -3.88 -9.67
N SER B 104 17.51 -3.14 -9.04
CA SER B 104 16.62 -3.74 -8.06
C SER B 104 15.67 -4.74 -8.72
N THR B 105 15.16 -5.65 -7.90
CA THR B 105 14.22 -6.65 -8.35
C THR B 105 12.89 -6.56 -7.63
N ARG B 106 12.77 -5.68 -6.64
CA ARG B 106 11.57 -5.41 -5.86
CA ARG B 106 11.56 -5.41 -5.88
C ARG B 106 11.52 -3.89 -5.58
N PRO B 107 10.33 -3.37 -5.34
CA PRO B 107 10.27 -1.96 -4.88
C PRO B 107 11.04 -1.81 -3.59
N VAL B 108 11.67 -0.64 -3.40
CA VAL B 108 12.42 -0.42 -2.16
C VAL B 108 11.44 -0.31 -1.01
N GLN B 109 11.80 -0.88 0.14
CA GLN B 109 11.03 -0.72 1.37
C GLN B 109 11.72 0.30 2.27
N VAL B 110 10.95 1.29 2.73
CA VAL B 110 11.45 2.34 3.60
C VAL B 110 11.30 1.90 5.06
N LEU B 111 12.39 2.02 5.81
CA LEU B 111 12.44 1.50 7.17
C LEU B 111 12.47 2.59 8.23
N SER B 112 12.25 3.83 7.84
CA SER B 112 12.46 4.94 8.76
C SER B 112 11.51 6.05 8.38
N PRO B 113 11.27 6.99 9.27
CA PRO B 113 10.66 8.25 8.84
C PRO B 113 11.38 8.86 7.64
N GLN B 114 10.70 9.70 6.89
CA GLN B 114 11.31 10.41 5.76
C GLN B 114 11.24 11.90 6.05
N ILE B 115 12.25 12.37 6.77
CA ILE B 115 12.28 13.73 7.29
C ILE B 115 13.62 14.34 6.89
N ALA B 116 13.57 15.51 6.27
CA ALA B 116 14.74 16.23 5.82
C ALA B 116 15.04 17.41 6.72
N VAL B 117 16.32 17.74 6.81
CA VAL B 117 16.80 18.91 7.53
C VAL B 117 17.25 19.94 6.49
N VAL B 118 16.68 21.14 6.55
CA VAL B 118 17.01 22.25 5.67
C VAL B 118 17.74 23.30 6.50
N THR B 119 18.88 23.78 6.00
CA THR B 119 19.68 24.81 6.66
C THR B 119 19.58 26.13 5.90
N HIS B 120 19.84 27.24 6.61
CA HIS B 120 19.62 28.58 6.06
C HIS B 120 20.44 28.87 4.80
N ASP B 121 21.53 28.16 4.55
CA ASP B 121 22.25 28.34 3.30
C ASP B 121 21.63 27.57 2.14
N GLY B 122 20.51 26.89 2.36
CA GLY B 122 19.82 26.15 1.32
C GLY B 122 20.23 24.70 1.19
N SER B 123 21.05 24.19 2.11
CA SER B 123 21.43 22.79 2.12
C SER B 123 20.28 21.92 2.62
N VAL B 124 20.07 20.79 1.97
CA VAL B 124 19.10 19.81 2.43
C VAL B 124 19.85 18.53 2.72
N MET B 125 19.53 17.90 3.85
CA MET B 125 20.08 16.59 4.18
C MET B 125 18.92 15.63 4.44
N PHE B 126 19.04 14.41 3.90
CA PHE B 126 17.93 13.46 3.91
C PHE B 126 18.52 12.06 3.95
N ILE B 127 18.21 11.29 5.00
CA ILE B 127 18.80 9.96 5.19
C ILE B 127 17.72 8.90 5.44
N PRO B 128 17.09 8.38 4.40
CA PRO B 128 16.13 7.29 4.61
C PRO B 128 16.84 5.95 4.77
N ALA B 129 16.32 5.13 5.68
CA ALA B 129 16.74 3.74 5.81
C ALA B 129 15.94 2.90 4.82
N GLN B 130 16.58 1.92 4.20
CA GLN B 130 15.96 1.21 3.10
C GLN B 130 16.36 -0.25 3.16
N ARG B 131 15.46 -1.10 2.67
CA ARG B 131 15.78 -2.48 2.36
C ARG B 131 15.62 -2.69 0.86
N LEU B 132 16.68 -3.19 0.21
CA LEU B 132 16.74 -3.32 -1.23
C LEU B 132 17.04 -4.75 -1.63
N SER B 133 16.28 -5.27 -2.59
CA SER B 133 16.58 -6.51 -3.31
C SER B 133 17.14 -6.15 -4.68
N PHE B 134 18.26 -6.75 -5.05
CA PHE B 134 18.82 -6.44 -6.35
C PHE B 134 19.53 -7.66 -6.90
N MET B 135 19.85 -7.58 -8.19
CA MET B 135 20.43 -8.70 -8.92
C MET B 135 21.83 -8.97 -8.40
N CYS B 136 22.07 -10.19 -7.96
CA CYS B 136 23.35 -10.53 -7.36
C CYS B 136 23.50 -12.04 -7.34
N ASP B 137 24.61 -12.51 -7.90
CA ASP B 137 24.96 -13.93 -7.90
C ASP B 137 25.80 -14.20 -6.67
N PRO B 138 25.26 -14.87 -5.63
CA PRO B 138 26.05 -15.11 -4.41
C PRO B 138 27.04 -16.27 -4.49
N THR B 139 27.28 -16.82 -5.67
CA THR B 139 28.22 -17.93 -5.81
C THR B 139 29.58 -17.56 -5.25
N GLY B 140 30.17 -18.45 -4.47
CA GLY B 140 31.41 -18.16 -3.76
C GLY B 140 31.22 -17.64 -2.35
N VAL B 141 29.98 -17.37 -1.91
CA VAL B 141 29.75 -16.83 -0.59
C VAL B 141 30.20 -17.78 0.51
N ASP B 142 30.28 -19.08 0.21
CA ASP B 142 30.72 -20.10 1.16
C ASP B 142 32.21 -20.43 1.00
N SER B 143 32.99 -19.51 0.46
CA SER B 143 34.43 -19.66 0.28
C SER B 143 35.14 -18.52 0.99
N GLU B 144 36.47 -18.62 1.10
CA GLU B 144 37.20 -17.53 1.75
C GLU B 144 37.24 -16.30 0.86
N GLU B 145 37.28 -16.49 -0.46
CA GLU B 145 37.24 -15.35 -1.36
C GLU B 145 35.91 -14.61 -1.27
N GLY B 146 34.82 -15.34 -1.01
CA GLY B 146 33.53 -14.70 -0.84
C GLY B 146 32.86 -14.41 -2.17
N ALA B 147 31.78 -13.64 -2.09
CA ALA B 147 31.02 -13.23 -3.25
C ALA B 147 31.17 -11.73 -3.48
N THR B 148 31.03 -11.30 -4.72
CA THR B 148 31.06 -9.88 -5.06
C THR B 148 29.79 -9.48 -5.79
N CYS B 149 29.17 -8.40 -5.34
CA CYS B 149 28.01 -7.87 -6.02
C CYS B 149 28.08 -6.35 -6.05
N ALA B 150 27.40 -5.80 -7.05
CA ALA B 150 27.49 -4.40 -7.39
C ALA B 150 26.11 -3.90 -7.80
N VAL B 151 25.75 -2.70 -7.38
CA VAL B 151 24.53 -2.07 -7.86
C VAL B 151 24.81 -0.59 -8.06
N LYS B 152 24.41 -0.08 -9.22
CA LYS B 152 24.54 1.33 -9.55
C LYS B 152 23.34 2.13 -9.09
N PHE B 153 23.58 3.35 -8.64
CA PHE B 153 22.57 4.30 -8.25
C PHE B 153 22.73 5.56 -9.09
N GLY B 154 21.61 6.11 -9.54
CA GLY B 154 21.68 7.34 -10.30
C GLY B 154 20.28 7.88 -10.56
N SER B 155 20.26 9.05 -11.19
CA SER B 155 19.02 9.70 -11.56
C SER B 155 18.34 8.91 -12.66
N TRP B 156 17.02 8.93 -12.63
CA TRP B 156 16.25 8.19 -13.61
C TRP B 156 16.05 8.96 -14.91
N VAL B 157 16.06 10.30 -14.87
CA VAL B 157 15.70 11.11 -16.02
C VAL B 157 16.66 12.26 -16.28
N TYR B 158 17.71 12.43 -15.47
CA TYR B 158 18.61 13.55 -15.61
C TYR B 158 20.02 13.08 -15.95
N SER B 159 20.62 13.74 -16.93
CA SER B 159 22.01 13.54 -17.30
C SER B 159 22.95 14.23 -16.31
N GLY B 160 24.25 14.03 -16.57
CA GLY B 160 25.30 14.73 -15.84
C GLY B 160 25.24 16.23 -15.95
N PHE B 161 24.65 16.74 -17.03
CA PHE B 161 24.51 18.19 -17.19
C PHE B 161 23.40 18.79 -16.33
N GLU B 162 22.49 17.99 -15.79
CA GLU B 162 21.50 18.51 -14.84
C GLU B 162 21.75 18.07 -13.42
N ILE B 163 22.09 16.81 -13.18
CA ILE B 163 22.40 16.34 -11.85
C ILE B 163 23.81 15.78 -11.86
N ASP B 164 24.70 16.39 -11.08
CA ASP B 164 26.01 15.82 -10.84
C ASP B 164 25.94 15.00 -9.55
N LEU B 165 26.51 13.82 -9.58
CA LEU B 165 26.45 12.90 -8.46
C LEU B 165 27.84 12.77 -7.87
N LYS B 166 27.95 12.91 -6.56
CA LYS B 166 29.22 12.80 -5.88
C LYS B 166 29.11 11.92 -4.63
N THR B 167 30.24 11.38 -4.22
CA THR B 167 30.45 10.83 -2.90
C THR B 167 31.56 11.62 -2.22
N ASP B 168 31.49 11.75 -0.90
CA ASP B 168 32.60 12.37 -0.16
C ASP B 168 33.73 11.40 0.14
N THR B 169 33.47 10.11 0.07
CA THR B 169 34.44 9.06 0.30
C THR B 169 34.00 7.86 -0.51
N ASP B 170 34.95 7.06 -0.96
CA ASP B 170 34.63 5.84 -1.68
C ASP B 170 34.44 4.67 -0.73
N GLN B 171 34.60 4.88 0.55
CA GLN B 171 34.50 3.84 1.54
C GLN B 171 33.08 3.86 2.10
N VAL B 172 32.30 2.79 1.85
CA VAL B 172 31.02 2.66 2.53
C VAL B 172 31.28 2.62 4.02
N ASP B 173 30.46 3.34 4.78
CA ASP B 173 30.54 3.31 6.23
C ASP B 173 30.02 1.97 6.76
N LEU B 174 30.92 1.18 7.35
CA LEU B 174 30.63 -0.13 7.92
C LEU B 174 30.66 -0.11 9.44
N SER B 175 30.73 1.07 10.05
CA SER B 175 30.86 1.16 11.49
C SER B 175 29.58 0.72 12.22
N SER B 176 28.47 0.57 11.52
CA SER B 176 27.24 0.08 12.12
C SER B 176 26.79 -1.24 11.51
N TYR B 177 27.68 -1.92 10.80
CA TYR B 177 27.30 -3.20 10.22
C TYR B 177 26.96 -4.19 11.32
N TYR B 178 25.91 -4.97 11.10
CA TYR B 178 25.41 -5.87 12.13
C TYR B 178 26.43 -6.98 12.38
N ALA B 179 26.93 -7.03 13.62
CA ALA B 179 28.07 -7.88 13.95
C ALA B 179 27.73 -9.37 13.94
N SER B 180 26.47 -9.74 14.08
CA SER B 180 26.09 -11.14 14.01
C SER B 180 25.27 -11.45 12.77
N SER B 181 25.53 -10.71 11.69
CA SER B 181 24.87 -10.99 10.43
C SER B 181 25.25 -12.38 9.93
N LYS B 182 24.38 -12.96 9.11
CA LYS B 182 24.76 -14.21 8.47
C LYS B 182 25.94 -14.06 7.53
N TYR B 183 26.31 -12.82 7.16
CA TYR B 183 27.39 -12.56 6.20
C TYR B 183 28.29 -11.47 6.74
N GLU B 184 29.60 -11.73 6.73
CA GLU B 184 30.55 -10.68 7.08
C GLU B 184 31.01 -9.93 5.83
N ILE B 185 31.23 -8.62 5.99
CA ILE B 185 31.68 -7.78 4.89
C ILE B 185 33.20 -7.88 4.74
N LEU B 186 33.66 -8.18 3.53
CA LEU B 186 35.07 -8.11 3.20
C LEU B 186 35.45 -6.72 2.71
N SER B 187 34.62 -6.11 1.88
CA SER B 187 34.82 -4.72 1.48
C SER B 187 33.54 -4.17 0.91
N ALA B 188 33.36 -2.85 1.05
CA ALA B 188 32.23 -2.17 0.44
C ALA B 188 32.69 -0.81 -0.01
N THR B 189 32.56 -0.53 -1.32
CA THR B 189 32.93 0.76 -1.87
C THR B 189 31.76 1.40 -2.60
N GLN B 190 31.78 2.73 -2.64
CA GLN B 190 30.81 3.56 -3.33
C GLN B 190 31.58 4.51 -4.23
N THR B 191 31.50 4.31 -5.54
CA THR B 191 32.35 5.03 -6.47
C THR B 191 31.56 5.75 -7.54
N ARG B 192 31.79 7.05 -7.66
CA ARG B 192 31.24 7.82 -8.76
C ARG B 192 31.79 7.31 -10.08
N GLN B 193 30.92 7.16 -11.07
CA GLN B 193 31.29 6.70 -12.40
C GLN B 193 30.64 7.60 -13.43
N VAL B 194 31.36 7.88 -14.51
CA VAL B 194 30.88 8.70 -15.61
C VAL B 194 30.68 7.79 -16.82
N GLN B 195 29.45 7.69 -17.29
CA GLN B 195 29.14 6.89 -18.47
C GLN B 195 29.10 7.81 -19.68
N HIS B 196 29.80 7.41 -20.74
CA HIS B 196 29.73 8.09 -22.02
C HIS B 196 29.08 7.12 -23.00
N TYR B 197 28.21 7.65 -23.85
CA TYR B 197 27.62 6.92 -24.97
C TYR B 197 28.10 7.56 -26.27
N SER B 198 28.50 6.71 -27.21
CA SER B 198 29.05 7.15 -28.50
C SER B 198 28.16 8.19 -29.18
N CYS B 199 26.85 7.94 -29.20
CA CYS B 199 25.89 8.78 -29.91
C CYS B 199 25.90 10.22 -29.44
N CYS B 200 26.32 10.44 -28.23
CA CYS B 200 25.74 11.52 -27.50
C CYS B 200 26.77 12.26 -26.67
N PRO B 201 26.66 13.57 -26.59
CA PRO B 201 27.72 14.33 -25.93
C PRO B 201 27.63 14.30 -24.42
N GLU B 202 26.43 14.49 -23.86
CA GLU B 202 26.30 14.60 -22.41
C GLU B 202 26.66 13.30 -21.70
N PRO B 203 27.25 13.37 -20.52
CA PRO B 203 27.57 12.17 -19.76
C PRO B 203 26.43 11.80 -18.81
N TYR B 204 26.50 10.59 -18.27
CA TYR B 204 25.56 10.10 -17.28
C TYR B 204 26.35 9.61 -16.08
N ILE B 205 25.99 10.08 -14.90
CA ILE B 205 26.70 9.78 -13.66
C ILE B 205 25.93 8.74 -12.85
N ASP B 206 26.64 7.74 -12.36
CA ASP B 206 26.12 6.83 -11.35
C ASP B 206 27.12 6.70 -10.21
N VAL B 207 26.64 6.20 -9.07
CA VAL B 207 27.48 5.78 -7.96
C VAL B 207 27.37 4.26 -7.85
N ASN B 208 28.49 3.57 -8.00
CA ASN B 208 28.51 2.12 -8.01
C ASN B 208 28.83 1.60 -6.61
N LEU B 209 27.88 0.87 -6.02
CA LEU B 209 28.03 0.24 -4.72
C LEU B 209 28.52 -1.18 -4.93
N VAL B 210 29.72 -1.49 -4.46
CA VAL B 210 30.32 -2.80 -4.68
C VAL B 210 30.55 -3.41 -3.30
N VAL B 211 29.96 -4.58 -3.07
CA VAL B 211 30.03 -5.23 -1.78
C VAL B 211 30.57 -6.64 -1.98
N LYS B 212 31.63 -6.96 -1.22
CA LYS B 212 32.22 -8.29 -1.23
C LYS B 212 31.98 -8.90 0.14
N PHE B 213 31.58 -10.17 0.17
CA PHE B 213 31.09 -10.70 1.42
C PHE B 213 31.12 -12.22 1.39
N ARG B 214 31.03 -12.82 2.57
CA ARG B 214 31.02 -14.26 2.69
C ARG B 214 30.25 -14.66 3.93
N GLU B 215 29.82 -15.92 3.94
CA GLU B 215 29.16 -16.49 5.11
C GLU B 215 30.06 -16.36 6.33
N ARG B 216 29.49 -15.84 7.41
CA ARG B 216 30.20 -15.68 8.66
C ARG B 216 30.06 -16.91 9.55
N LYS C 8 -25.94 17.18 26.79
CA LYS C 8 -25.19 16.14 26.09
C LYS C 8 -24.73 16.65 24.73
N LEU C 9 -25.70 17.12 23.92
CA LEU C 9 -25.33 17.81 22.68
C LEU C 9 -24.47 19.03 22.97
N HIS C 10 -24.64 19.64 24.16
CA HIS C 10 -23.77 20.72 24.57
C HIS C 10 -22.36 20.21 24.84
N SER C 11 -22.24 19.03 25.46
CA SER C 11 -20.94 18.41 25.64
C SER C 11 -20.28 18.15 24.30
N GLN C 12 -21.03 17.65 23.31
CA GLN C 12 -20.46 17.39 22.00
C GLN C 12 -20.07 18.67 21.30
N ALA C 13 -20.89 19.72 21.42
CA ALA C 13 -20.54 20.98 20.79
C ALA C 13 -19.31 21.60 21.43
N ASN C 14 -19.17 21.45 22.75
CA ASN C 14 -17.98 21.93 23.44
C ASN C 14 -16.74 21.18 22.96
N LEU C 15 -16.84 19.86 22.82
CA LEU C 15 -15.70 19.06 22.42
C LEU C 15 -15.31 19.30 20.97
N MET C 16 -16.28 19.29 20.07
CA MET C 16 -16.00 19.60 18.67
C MET C 16 -15.37 20.98 18.55
N ARG C 17 -15.88 21.95 19.31
CA ARG C 17 -15.26 23.28 19.31
C ARG C 17 -13.83 23.22 19.84
N LEU C 18 -13.60 22.45 20.91
CA LEU C 18 -12.27 22.37 21.48
C LEU C 18 -11.27 21.78 20.48
N LYS C 19 -11.63 20.65 19.85
CA LYS C 19 -10.78 20.05 18.84
C LYS C 19 -10.54 21.01 17.69
N SER C 20 -11.59 21.68 17.23
CA SER C 20 -11.42 22.71 16.20
C SER C 20 -10.39 23.75 16.61
N ASP C 21 -10.50 24.27 17.83
CA ASP C 21 -9.60 25.34 18.24
C ASP C 21 -8.16 24.86 18.30
N LEU C 22 -7.92 23.67 18.84
CA LEU C 22 -6.55 23.19 19.00
C LEU C 22 -5.92 22.85 17.66
N PHE C 23 -6.69 22.29 16.75
CA PHE C 23 -6.14 21.78 15.49
C PHE C 23 -6.00 22.86 14.43
N ASN C 24 -6.42 24.10 14.72
CA ASN C 24 -6.31 25.20 13.77
C ASN C 24 -5.69 26.44 14.41
N TYR C 29 2.31 23.93 15.43
CA TYR C 29 3.42 23.24 16.09
C TYR C 29 4.31 22.60 15.04
N PRO C 30 5.56 23.02 14.98
CA PRO C 30 6.50 22.52 13.98
C PRO C 30 7.40 21.38 14.44
N GLY C 31 7.10 20.77 15.59
CA GLY C 31 8.02 19.86 16.19
C GLY C 31 8.88 20.59 17.19
N PRO C 32 9.70 19.85 17.91
CA PRO C 32 10.56 20.45 18.92
C PRO C 32 11.77 21.13 18.30
N THR C 33 12.37 22.03 19.07
CA THR C 33 13.57 22.75 18.69
C THR C 33 14.49 22.79 19.89
N LYS C 34 15.70 23.33 19.68
CA LYS C 34 16.63 23.50 20.78
C LYS C 34 16.10 24.50 21.80
N ASP C 35 15.29 25.46 21.35
CA ASP C 35 14.66 26.41 22.27
C ASP C 35 13.42 25.83 22.94
N ASP C 36 12.62 25.06 22.20
CA ASP C 36 11.43 24.39 22.73
C ASP C 36 11.64 22.87 22.71
N PRO C 37 12.47 22.35 23.61
CA PRO C 37 12.74 20.91 23.61
C PRO C 37 11.55 20.12 24.16
N LEU C 38 11.60 18.81 23.93
CA LEU C 38 10.48 17.92 24.23
C LEU C 38 10.96 16.65 24.89
N THR C 39 10.25 16.21 25.92
CA THR C 39 10.52 14.93 26.56
C THR C 39 9.49 13.91 26.11
N VAL C 40 9.96 12.76 25.64
CA VAL C 40 9.10 11.67 25.22
C VAL C 40 9.43 10.48 26.11
N THR C 41 8.44 9.94 26.79
CA THR C 41 8.66 8.77 27.63
C THR C 41 8.22 7.54 26.86
N LEU C 42 9.05 6.50 26.88
CA LEU C 42 8.86 5.31 26.09
C LEU C 42 8.71 4.12 27.02
N GLY C 43 7.75 3.23 26.73
CA GLY C 43 7.64 1.97 27.44
C GLY C 43 7.10 0.85 26.59
N PHE C 44 7.68 -0.34 26.71
CA PHE C 44 7.29 -1.46 25.88
C PHE C 44 6.48 -2.47 26.69
N THR C 45 5.52 -3.09 26.03
CA THR C 45 4.78 -4.24 26.52
C THR C 45 4.97 -5.34 25.49
N LEU C 46 5.70 -6.39 25.86
CA LEU C 46 6.02 -7.45 24.92
C LEU C 46 4.94 -8.51 24.97
N GLN C 47 4.30 -8.73 23.83
CA GLN C 47 3.20 -9.66 23.74
C GLN C 47 3.62 -11.01 23.18
N ASP C 48 4.55 -11.05 22.22
CA ASP C 48 4.86 -12.33 21.60
C ASP C 48 6.16 -12.16 20.82
N ILE C 49 7.00 -13.19 20.89
CA ILE C 49 8.02 -13.44 19.88
C ILE C 49 7.39 -14.43 18.91
N VAL C 50 7.01 -13.95 17.73
CA VAL C 50 6.31 -14.81 16.78
C VAL C 50 7.26 -15.78 16.10
N LYS C 51 8.45 -15.30 15.74
CA LYS C 51 9.27 -16.03 14.80
C LYS C 51 10.74 -15.66 14.93
N ALA C 52 11.59 -16.68 14.82
CA ALA C 52 13.03 -16.54 14.86
C ALA C 52 13.57 -17.26 13.63
N ASP C 53 14.14 -16.51 12.70
CA ASP C 53 14.61 -17.06 11.43
C ASP C 53 16.14 -17.13 11.50
N SER C 54 16.67 -18.34 11.54
CA SER C 54 18.11 -18.54 11.64
C SER C 54 18.78 -18.57 10.28
N SER C 55 18.01 -18.58 9.19
CA SER C 55 18.61 -18.46 7.87
C SER C 55 18.94 -17.02 7.53
N THR C 56 18.22 -16.05 8.08
CA THR C 56 18.46 -14.64 7.81
C THR C 56 18.85 -13.83 9.04
N ASN C 57 18.76 -14.42 10.24
CA ASN C 57 18.98 -13.70 11.49
C ASN C 57 18.03 -12.51 11.61
N GLU C 58 16.74 -12.82 11.47
CA GLU C 58 15.65 -11.89 11.71
C GLU C 58 14.74 -12.48 12.77
N VAL C 59 14.25 -11.64 13.68
CA VAL C 59 13.30 -12.06 14.70
C VAL C 59 12.11 -11.12 14.64
N ASP C 60 10.90 -11.67 14.83
CA ASP C 60 9.67 -10.89 14.77
C ASP C 60 9.03 -10.77 16.15
N LEU C 61 8.76 -9.55 16.56
CA LEU C 61 8.15 -9.26 17.85
C LEU C 61 6.81 -8.58 17.63
N VAL C 62 5.86 -8.85 18.53
CA VAL C 62 4.62 -8.10 18.64
C VAL C 62 4.61 -7.43 19.99
N TYR C 63 4.49 -6.10 20.00
CA TYR C 63 4.56 -5.36 21.25
C TYR C 63 3.66 -4.15 21.17
N TYR C 64 3.39 -3.57 22.34
CA TYR C 64 2.79 -2.25 22.44
C TYR C 64 3.89 -1.26 22.75
N GLU C 65 3.96 -0.18 21.98
CA GLU C 65 4.92 0.88 22.21
C GLU C 65 4.20 2.07 22.81
N GLN C 66 4.41 2.31 24.10
CA GLN C 66 3.73 3.37 24.82
C GLN C 66 4.51 4.67 24.76
N GLN C 67 3.89 5.70 24.21
CA GLN C 67 4.57 6.98 24.01
C GLN C 67 3.78 8.08 24.69
N ARG C 68 4.46 8.90 25.47
CA ARG C 68 3.83 10.01 26.18
C ARG C 68 4.71 11.24 26.10
N TRP C 69 4.08 12.39 25.86
CA TRP C 69 4.77 13.67 25.79
C TRP C 69 3.76 14.75 26.14
N LYS C 70 4.23 15.99 26.23
CA LYS C 70 3.38 17.08 26.72
C LYS C 70 3.71 18.36 25.97
N LEU C 71 2.72 18.97 25.33
CA LEU C 71 2.90 20.21 24.58
C LEU C 71 2.12 21.33 25.25
N ASN C 72 2.75 22.49 25.39
CA ASN C 72 2.03 23.65 25.91
C ASN C 72 0.95 24.12 24.94
N SER C 73 1.19 23.97 23.63
CA SER C 73 0.18 24.36 22.64
C SER C 73 -1.05 23.45 22.63
N LEU C 74 -1.10 22.41 23.46
CA LEU C 74 -2.29 21.56 23.53
C LEU C 74 -3.05 21.76 24.84
N MET C 75 -2.64 22.72 25.66
CA MET C 75 -3.28 22.99 26.92
C MET C 75 -4.65 23.60 26.72
N TRP C 76 -5.49 23.51 27.75
CA TRP C 76 -6.73 24.26 27.78
C TRP C 76 -7.29 24.20 29.20
N ASP C 77 -8.15 25.15 29.51
CA ASP C 77 -8.91 25.17 30.75
C ASP C 77 -10.23 24.43 30.61
N PRO C 78 -10.53 23.40 31.38
CA PRO C 78 -11.86 22.78 31.29
C PRO C 78 -13.03 23.75 31.36
N ASN C 79 -12.94 24.79 32.21
CA ASN C 79 -14.06 25.71 32.40
C ASN C 79 -14.38 26.51 31.14
N GLU C 80 -13.43 26.68 30.22
CA GLU C 80 -13.76 27.32 28.96
C GLU C 80 -14.36 26.35 27.96
N TYR C 81 -14.52 25.08 28.32
CA TYR C 81 -14.94 24.04 27.40
C TYR C 81 -15.82 23.01 28.08
N GLY C 82 -16.72 23.45 28.95
CA GLY C 82 -17.68 22.54 29.55
C GLY C 82 -17.08 21.50 30.46
N ASN C 83 -15.95 21.81 31.10
CA ASN C 83 -15.25 20.91 32.01
C ASN C 83 -14.71 19.65 31.30
N ILE C 84 -14.45 19.74 30.00
CA ILE C 84 -13.77 18.66 29.29
C ILE C 84 -12.33 18.60 29.77
N THR C 85 -11.92 17.45 30.30
CA THR C 85 -10.57 17.28 30.79
C THR C 85 -9.65 16.56 29.82
N ASP C 86 -10.19 15.73 28.93
CA ASP C 86 -9.40 14.99 27.96
C ASP C 86 -10.27 14.66 26.76
N PHE C 87 -9.63 14.30 25.65
CA PHE C 87 -10.37 13.79 24.50
C PHE C 87 -9.49 12.81 23.73
N ARG C 88 -10.14 12.00 22.90
CA ARG C 88 -9.46 11.08 22.00
C ARG C 88 -9.45 11.66 20.60
N THR C 89 -8.37 11.42 19.87
CA THR C 89 -8.33 11.87 18.50
C THR C 89 -7.40 10.98 17.70
N SER C 90 -7.65 10.90 16.41
CA SER C 90 -6.75 10.20 15.51
C SER C 90 -5.32 10.72 15.70
N ALA C 91 -4.36 9.80 15.75
CA ALA C 91 -2.95 10.19 15.88
C ALA C 91 -2.45 10.95 14.67
N ALA C 92 -3.17 10.93 13.56
CA ALA C 92 -2.81 11.71 12.39
C ALA C 92 -3.25 13.17 12.50
N ASP C 93 -4.14 13.48 13.44
CA ASP C 93 -4.57 14.87 13.63
C ASP C 93 -3.61 15.67 14.49
N ILE C 94 -2.58 15.05 15.05
CA ILE C 94 -1.67 15.76 15.94
C ILE C 94 -0.24 15.44 15.53
N TRP C 95 0.69 16.26 16.02
CA TRP C 95 2.11 15.94 15.89
C TRP C 95 2.45 14.72 16.75
N THR C 96 3.23 13.79 16.19
CA THR C 96 3.73 12.67 16.96
C THR C 96 5.24 12.52 16.75
N PRO C 97 5.95 11.98 17.72
CA PRO C 97 7.40 11.87 17.60
C PRO C 97 7.82 10.77 16.62
N ASP C 98 9.02 10.94 16.07
CA ASP C 98 9.60 10.05 15.07
C ASP C 98 10.45 8.95 15.69
N ILE C 99 10.01 8.33 16.80
CA ILE C 99 10.77 7.27 17.43
C ILE C 99 10.82 6.07 16.50
N THR C 100 12.01 5.50 16.33
CA THR C 100 12.21 4.51 15.27
C THR C 100 13.09 3.38 15.78
N ALA C 101 12.77 2.17 15.39
CA ALA C 101 13.69 1.05 15.59
C ALA C 101 14.89 1.21 14.67
N TYR C 102 16.09 1.06 15.21
CA TYR C 102 17.27 1.38 14.42
C TYR C 102 17.78 0.21 13.59
N SER C 103 17.37 -1.01 13.89
CA SER C 103 17.90 -2.17 13.19
C SER C 103 16.76 -3.08 12.74
N SER C 104 15.62 -2.51 12.38
CA SER C 104 14.58 -3.29 11.70
C SER C 104 15.08 -3.73 10.32
N THR C 105 14.45 -4.79 9.80
CA THR C 105 14.75 -5.31 8.47
C THR C 105 13.55 -5.26 7.55
N ARG C 106 12.38 -4.86 8.06
CA ARG C 106 11.12 -4.78 7.35
CA ARG C 106 11.16 -4.75 7.31
C ARG C 106 10.37 -3.58 7.88
N PRO C 107 9.51 -2.95 7.08
CA PRO C 107 8.73 -1.84 7.62
C PRO C 107 7.84 -2.37 8.72
N VAL C 108 7.75 -1.61 9.81
CA VAL C 108 6.88 -1.91 10.92
C VAL C 108 5.46 -2.16 10.43
N GLN C 109 4.75 -3.10 11.05
CA GLN C 109 3.33 -3.30 10.80
C GLN C 109 2.52 -2.89 12.02
N VAL C 110 1.53 -2.04 11.80
CA VAL C 110 0.66 -1.55 12.86
C VAL C 110 -0.53 -2.51 13.05
N LEU C 111 -0.74 -2.95 14.28
CA LEU C 111 -1.75 -3.95 14.59
C LEU C 111 -2.93 -3.35 15.32
N SER C 112 -2.97 -2.05 15.50
CA SER C 112 -4.06 -1.48 16.26
C SER C 112 -4.50 -0.16 15.66
N PRO C 113 -5.61 0.39 16.11
CA PRO C 113 -5.90 1.79 15.83
C PRO C 113 -4.78 2.69 16.30
N GLN C 114 -4.66 3.84 15.65
CA GLN C 114 -3.68 4.82 16.07
C GLN C 114 -4.47 6.04 16.55
N ILE C 115 -4.82 6.00 17.83
CA ILE C 115 -5.63 6.99 18.48
C ILE C 115 -4.86 7.46 19.71
N ALA C 116 -4.78 8.77 19.90
CA ALA C 116 -4.13 9.36 21.05
C ALA C 116 -5.14 9.97 22.02
N VAL C 117 -4.71 10.12 23.27
CA VAL C 117 -5.50 10.75 24.32
C VAL C 117 -4.78 12.00 24.77
N VAL C 118 -5.41 13.16 24.57
CA VAL C 118 -4.90 14.46 24.95
C VAL C 118 -5.61 14.89 26.23
N THR C 119 -4.85 15.35 27.22
CA THR C 119 -5.37 15.85 28.48
C THR C 119 -5.20 17.36 28.55
N HIS C 120 -6.06 18.02 29.35
CA HIS C 120 -6.10 19.48 29.40
C HIS C 120 -4.79 20.12 29.82
N ASP C 121 -3.90 19.38 30.49
CA ASP C 121 -2.58 19.93 30.80
C ASP C 121 -1.62 19.88 29.62
N GLY C 122 -2.07 19.39 28.45
CA GLY C 122 -1.22 19.33 27.29
C GLY C 122 -0.53 18.00 27.07
N SER C 123 -0.66 17.05 27.99
CA SER C 123 0.01 15.78 27.85
C SER C 123 -0.75 14.87 26.89
N VAL C 124 0.00 14.04 26.17
CA VAL C 124 -0.52 13.16 25.15
C VAL C 124 -0.05 11.76 25.45
N MET C 125 -0.94 10.78 25.31
CA MET C 125 -0.56 9.39 25.37
C MET C 125 -0.99 8.68 24.11
N PHE C 126 -0.13 7.80 23.61
CA PHE C 126 -0.33 7.13 22.33
C PHE C 126 0.28 5.74 22.44
N ILE C 127 -0.51 4.69 22.27
CA ILE C 127 0.01 3.33 22.43
C ILE C 127 -0.35 2.45 21.24
N PRO C 128 0.42 2.49 20.15
CA PRO C 128 0.16 1.59 19.02
C PRO C 128 0.73 0.20 19.24
N ALA C 129 0.00 -0.80 18.76
CA ALA C 129 0.53 -2.16 18.68
C ALA C 129 1.24 -2.37 17.35
N GLN C 130 2.36 -3.07 17.38
CA GLN C 130 3.22 -3.17 16.22
C GLN C 130 3.84 -4.56 16.14
N ARG C 131 4.01 -5.05 14.92
CA ARG C 131 4.91 -6.17 14.66
C ARG C 131 6.19 -5.65 14.01
N LEU C 132 7.33 -6.07 14.54
CA LEU C 132 8.63 -5.61 14.10
C LEU C 132 9.52 -6.80 13.77
N SER C 133 10.14 -6.78 12.60
CA SER C 133 11.25 -7.67 12.28
C SER C 133 12.55 -6.88 12.46
N PHE C 134 13.52 -7.46 13.17
CA PHE C 134 14.76 -6.76 13.39
C PHE C 134 15.91 -7.77 13.45
N MET C 135 17.14 -7.23 13.36
CA MET C 135 18.34 -8.04 13.21
C MET C 135 18.65 -8.77 14.52
N CYS C 136 18.75 -10.09 14.43
CA CYS C 136 18.89 -10.89 15.64
C CYS C 136 19.36 -12.29 15.27
N ASP C 137 20.47 -12.72 15.87
CA ASP C 137 21.03 -14.04 15.65
C ASP C 137 20.44 -14.96 16.71
N PRO C 138 19.54 -15.87 16.37
CA PRO C 138 18.87 -16.65 17.42
C PRO C 138 19.67 -17.87 17.84
N THR C 139 20.99 -17.88 17.59
CA THR C 139 21.85 -18.96 18.06
C THR C 139 21.75 -19.10 19.57
N GLY C 140 21.60 -20.33 20.03
CA GLY C 140 21.40 -20.62 21.43
C GLY C 140 19.95 -20.75 21.84
N VAL C 141 19.00 -20.48 20.94
CA VAL C 141 17.60 -20.51 21.33
C VAL C 141 17.17 -21.93 21.67
N ASP C 142 17.80 -22.94 21.08
CA ASP C 142 17.48 -24.33 21.39
C ASP C 142 18.30 -24.86 22.57
N SER C 143 18.80 -23.99 23.43
CA SER C 143 19.51 -24.33 24.64
C SER C 143 18.77 -23.74 25.83
N GLU C 144 19.24 -24.07 27.03
CA GLU C 144 18.58 -23.54 28.22
C GLU C 144 19.02 -22.12 28.53
N GLU C 145 20.25 -21.75 28.13
CA GLU C 145 20.68 -20.36 28.24
C GLU C 145 20.00 -19.47 27.21
N GLY C 146 19.42 -20.03 26.16
CA GLY C 146 18.67 -19.25 25.19
C GLY C 146 19.53 -18.29 24.38
N ALA C 147 18.84 -17.44 23.63
CA ALA C 147 19.47 -16.44 22.79
C ALA C 147 19.18 -15.05 23.34
N THR C 148 20.08 -14.11 23.03
CA THR C 148 19.94 -12.72 23.44
C THR C 148 19.96 -11.83 22.21
N CYS C 149 19.05 -10.86 22.16
CA CYS C 149 19.00 -9.95 21.04
C CYS C 149 18.60 -8.56 21.52
N ALA C 150 18.93 -7.56 20.71
CA ALA C 150 18.73 -6.19 21.16
C ALA C 150 18.33 -5.34 19.96
N VAL C 151 17.52 -4.33 20.23
CA VAL C 151 17.16 -3.34 19.22
C VAL C 151 17.02 -1.98 19.91
N LYS C 152 17.62 -0.95 19.32
CA LYS C 152 17.56 0.41 19.82
C LYS C 152 16.43 1.18 19.15
N PHE C 153 15.71 1.97 19.94
CA PHE C 153 14.74 2.93 19.44
C PHE C 153 15.21 4.34 19.78
N GLY C 154 14.94 5.28 18.88
CA GLY C 154 15.34 6.67 19.08
C GLY C 154 14.83 7.52 17.94
N SER C 155 14.83 8.83 18.16
CA SER C 155 14.42 9.77 17.12
C SER C 155 15.30 9.63 15.88
N TRP C 156 14.69 9.86 14.71
CA TRP C 156 15.45 9.76 13.47
C TRP C 156 16.21 11.05 13.15
N VAL C 157 15.71 12.21 13.57
CA VAL C 157 16.28 13.48 13.15
C VAL C 157 16.55 14.43 14.30
N TYR C 158 16.25 14.05 15.53
CA TYR C 158 16.39 14.94 16.68
C TYR C 158 17.43 14.40 17.63
N SER C 159 18.30 15.28 18.10
CA SER C 159 19.27 14.96 19.13
C SER C 159 18.59 15.02 20.49
N GLY C 160 19.31 14.60 21.52
CA GLY C 160 18.85 14.74 22.89
C GLY C 160 18.55 16.17 23.30
N PHE C 161 19.01 17.17 22.54
CA PHE C 161 18.70 18.55 22.87
C PHE C 161 17.30 18.97 22.44
N GLU C 162 16.69 18.29 21.47
CA GLU C 162 15.33 18.58 21.05
C GLU C 162 14.32 17.55 21.53
N ILE C 163 14.68 16.28 21.52
CA ILE C 163 13.84 15.22 22.06
C ILE C 163 14.65 14.50 23.11
N ASP C 164 14.24 14.62 24.36
CA ASP C 164 14.80 13.85 25.46
C ASP C 164 13.96 12.59 25.60
N LEU C 165 14.58 11.44 25.40
CA LEU C 165 13.93 10.15 25.56
C LEU C 165 14.15 9.65 26.98
N LYS C 166 13.10 9.12 27.59
CA LYS C 166 13.29 8.54 28.91
C LYS C 166 12.34 7.36 29.10
N THR C 167 12.69 6.48 30.02
CA THR C 167 11.82 5.40 30.47
C THR C 167 11.35 5.68 31.89
N ASP C 168 10.23 5.05 32.29
CA ASP C 168 9.78 5.08 33.67
C ASP C 168 10.30 3.91 34.48
N THR C 169 10.68 2.83 33.79
CA THR C 169 11.23 1.65 34.41
C THR C 169 12.03 0.91 33.35
N ASP C 170 12.99 0.11 33.78
CA ASP C 170 13.79 -0.64 32.84
C ASP C 170 13.21 -2.02 32.59
N GLN C 171 12.08 -2.34 33.23
CA GLN C 171 11.41 -3.61 33.06
C GLN C 171 10.44 -3.50 31.90
N VAL C 172 10.64 -4.33 30.88
CA VAL C 172 9.64 -4.45 29.83
C VAL C 172 8.47 -5.22 30.40
N ASP C 173 7.26 -4.69 30.25
CA ASP C 173 6.07 -5.33 30.80
C ASP C 173 5.86 -6.67 30.10
N LEU C 174 6.03 -7.76 30.82
CA LEU C 174 5.77 -9.10 30.32
C LEU C 174 4.48 -9.70 30.89
N SER C 175 3.67 -8.92 31.58
CA SER C 175 2.51 -9.50 32.26
C SER C 175 1.45 -10.01 31.29
N SER C 176 1.48 -9.56 30.03
CA SER C 176 0.60 -10.05 28.98
C SER C 176 1.32 -10.89 27.94
N TYR C 177 2.53 -11.36 28.23
CA TYR C 177 3.24 -12.16 27.25
C TYR C 177 2.49 -13.46 27.00
N TYR C 178 2.51 -13.90 25.74
CA TYR C 178 1.69 -15.03 25.32
C TYR C 178 2.23 -16.33 25.88
N ALA C 179 1.44 -16.96 26.76
CA ALA C 179 1.91 -18.11 27.52
C ALA C 179 2.21 -19.31 26.65
N SER C 180 1.56 -19.41 25.50
CA SER C 180 1.83 -20.53 24.60
C SER C 180 2.60 -20.12 23.35
N SER C 181 3.36 -19.03 23.43
CA SER C 181 4.29 -18.69 22.35
C SER C 181 5.27 -19.82 22.13
N LYS C 182 5.77 -19.92 20.89
CA LYS C 182 6.86 -20.83 20.58
C LYS C 182 8.12 -20.53 21.39
N TYR C 183 8.25 -19.31 21.93
CA TYR C 183 9.47 -18.91 22.61
C TYR C 183 9.14 -18.50 24.04
N GLU C 184 9.84 -19.11 24.99
CA GLU C 184 9.74 -18.67 26.37
C GLU C 184 10.65 -17.46 26.56
N ILE C 185 10.11 -16.41 27.19
CA ILE C 185 10.88 -15.19 27.45
C ILE C 185 11.58 -15.34 28.79
N LEU C 186 12.90 -15.09 28.81
CA LEU C 186 13.70 -15.21 30.02
C LEU C 186 13.99 -13.88 30.70
N SER C 187 14.09 -12.80 29.93
CA SER C 187 14.18 -11.43 30.45
C SER C 187 13.83 -10.47 29.31
N ALA C 188 13.51 -9.24 29.68
CA ALA C 188 13.18 -8.21 28.69
C ALA C 188 13.37 -6.87 29.36
N THR C 189 14.37 -6.10 28.93
CA THR C 189 14.67 -4.82 29.56
C THR C 189 14.71 -3.70 28.52
N GLN C 190 14.42 -2.50 29.00
CA GLN C 190 14.33 -1.29 28.17
C GLN C 190 15.16 -0.22 28.87
N THR C 191 16.39 -0.03 28.40
CA THR C 191 17.36 0.86 29.05
C THR C 191 17.62 2.09 28.21
N ARG C 192 17.42 3.26 28.82
CA ARG C 192 17.84 4.51 28.23
C ARG C 192 19.36 4.57 28.11
N GLN C 193 19.86 4.81 26.90
CA GLN C 193 21.27 4.99 26.62
C GLN C 193 21.51 6.40 26.10
N VAL C 194 22.54 7.07 26.60
CA VAL C 194 22.97 8.36 26.09
C VAL C 194 24.31 8.18 25.41
N GLN C 195 24.38 8.59 24.16
CA GLN C 195 25.52 8.38 23.30
C GLN C 195 26.08 9.74 22.88
N HIS C 196 27.40 9.86 22.86
CA HIS C 196 28.06 11.07 22.40
C HIS C 196 29.12 10.66 21.40
N TYR C 197 29.35 11.53 20.43
CA TYR C 197 30.42 11.35 19.45
C TYR C 197 31.45 12.46 19.66
N SER C 198 32.73 12.09 19.59
CA SER C 198 33.82 13.00 19.93
C SER C 198 33.75 14.32 19.16
N CYS C 199 33.39 14.27 17.88
CA CYS C 199 33.17 15.46 17.06
C CYS C 199 32.32 16.53 17.74
N CYS C 200 31.33 16.12 18.51
CA CYS C 200 30.15 16.94 18.64
C CYS C 200 29.67 17.00 20.07
N PRO C 201 29.10 18.12 20.47
CA PRO C 201 28.70 18.26 21.88
C PRO C 201 27.36 17.63 22.21
N GLU C 202 26.39 17.64 21.31
CA GLU C 202 25.04 17.23 21.66
C GLU C 202 24.95 15.73 21.88
N PRO C 203 24.13 15.30 22.83
CA PRO C 203 23.90 13.87 23.04
C PRO C 203 22.86 13.30 22.11
N TYR C 204 22.99 12.00 21.84
CA TYR C 204 21.99 11.24 21.10
C TYR C 204 21.50 10.13 22.01
N ILE C 205 20.20 10.03 22.14
CA ILE C 205 19.58 9.15 23.11
C ILE C 205 18.79 8.07 22.37
N ASP C 206 18.93 6.84 22.87
CA ASP C 206 18.14 5.72 22.43
C ASP C 206 17.64 4.98 23.67
N VAL C 207 16.60 4.16 23.48
CA VAL C 207 16.17 3.18 24.47
C VAL C 207 16.47 1.82 23.87
N ASN C 208 17.27 1.02 24.58
CA ASN C 208 17.76 -0.26 24.12
C ASN C 208 16.89 -1.39 24.66
N LEU C 209 16.16 -2.07 23.76
CA LEU C 209 15.31 -3.21 24.11
C LEU C 209 16.10 -4.51 23.97
N VAL C 210 16.33 -5.20 25.09
CA VAL C 210 17.11 -6.43 25.15
C VAL C 210 16.19 -7.54 25.62
N VAL C 211 16.06 -8.60 24.83
CA VAL C 211 15.19 -9.72 25.16
C VAL C 211 16.02 -11.00 25.13
N LYS C 212 15.94 -11.78 26.19
CA LYS C 212 16.50 -13.12 26.22
C LYS C 212 15.36 -14.12 26.16
N PHE C 213 15.53 -15.18 25.39
CA PHE C 213 14.42 -16.07 25.08
C PHE C 213 14.97 -17.39 24.59
N ARG C 214 14.11 -18.43 24.67
CA ARG C 214 14.48 -19.75 24.19
C ARG C 214 13.23 -20.45 23.68
N GLU C 215 13.45 -21.50 22.90
CA GLU C 215 12.33 -22.35 22.49
C GLU C 215 11.64 -22.92 23.71
N ARG C 216 10.31 -22.90 23.70
CA ARG C 216 9.53 -23.40 24.84
C ARG C 216 9.72 -24.91 25.00
N LYS D 8 -38.37 9.25 -9.24
CA LYS D 8 -37.09 8.66 -8.86
C LYS D 8 -36.04 9.75 -8.61
N LEU D 9 -36.08 10.80 -9.43
CA LEU D 9 -35.18 11.94 -9.20
C LEU D 9 -35.50 12.63 -7.88
N HIS D 10 -36.78 12.70 -7.52
CA HIS D 10 -37.16 13.32 -6.24
C HIS D 10 -36.67 12.49 -5.06
N SER D 11 -36.85 11.16 -5.14
CA SER D 11 -36.33 10.29 -4.09
C SER D 11 -34.82 10.45 -3.93
N GLN D 12 -34.09 10.48 -5.05
CA GLN D 12 -32.65 10.73 -5.03
C GLN D 12 -32.35 12.05 -4.33
N ALA D 13 -33.06 13.11 -4.70
CA ALA D 13 -32.79 14.42 -4.12
C ALA D 13 -33.13 14.43 -2.64
N ASN D 14 -34.17 13.69 -2.24
CA ASN D 14 -34.45 13.52 -0.82
C ASN D 14 -33.26 12.92 -0.09
N LEU D 15 -32.68 11.86 -0.67
CA LEU D 15 -31.57 11.18 -0.03
C LEU D 15 -30.35 12.09 0.10
N MET D 16 -29.99 12.80 -0.97
CA MET D 16 -28.86 13.70 -0.90
C MET D 16 -29.09 14.81 0.13
N ARG D 17 -30.31 15.35 0.18
CA ARG D 17 -30.63 16.33 1.21
C ARG D 17 -30.45 15.73 2.60
N LEU D 18 -31.04 14.56 2.83
CA LEU D 18 -30.87 13.87 4.10
C LEU D 18 -29.40 13.76 4.51
N LYS D 19 -28.54 13.35 3.58
CA LYS D 19 -27.17 13.05 3.98
C LYS D 19 -26.40 14.28 4.43
N SER D 20 -26.56 15.40 3.74
CA SER D 20 -25.77 16.57 4.12
C SER D 20 -26.37 17.25 5.35
N ASP D 21 -27.70 17.24 5.46
CA ASP D 21 -28.31 17.54 6.76
C ASP D 21 -27.69 16.65 7.83
N LEU D 22 -27.63 15.35 7.55
CA LEU D 22 -27.07 14.38 8.49
C LEU D 22 -25.56 14.55 8.64
N PHE D 23 -24.83 14.64 7.52
CA PHE D 23 -23.39 14.83 7.57
C PHE D 23 -22.98 16.23 8.04
N ASN D 24 -23.93 17.16 8.19
CA ASN D 24 -23.63 18.49 8.72
C ASN D 24 -24.52 18.77 9.94
N TYR D 29 -20.69 14.20 15.56
CA TYR D 29 -20.36 13.26 16.62
C TYR D 29 -18.84 13.11 16.75
N PRO D 30 -18.33 13.30 17.96
CA PRO D 30 -16.88 13.21 18.16
C PRO D 30 -16.48 11.93 18.87
N GLY D 31 -17.39 10.96 18.91
CA GLY D 31 -17.15 9.74 19.63
C GLY D 31 -17.77 9.80 21.02
N PRO D 32 -17.85 8.65 21.69
CA PRO D 32 -18.50 8.60 22.99
C PRO D 32 -17.65 9.22 24.08
N THR D 33 -18.30 9.58 25.17
CA THR D 33 -17.64 10.16 26.34
C THR D 33 -18.26 9.56 27.58
N LYS D 34 -17.68 9.90 28.74
CA LYS D 34 -18.26 9.48 30.01
C LYS D 34 -19.65 10.09 30.21
N ASP D 35 -19.84 11.32 29.72
CA ASP D 35 -21.15 11.96 29.78
C ASP D 35 -22.16 11.24 28.90
N ASP D 36 -21.75 10.86 27.68
CA ASP D 36 -22.63 10.26 26.69
C ASP D 36 -22.05 8.92 26.25
N PRO D 37 -22.14 7.90 27.12
CA PRO D 37 -21.59 6.58 26.75
C PRO D 37 -22.34 6.00 25.57
N LEU D 38 -21.76 4.94 25.01
CA LEU D 38 -22.30 4.29 23.85
C LEU D 38 -22.22 2.79 24.05
N THR D 39 -23.23 2.09 23.53
CA THR D 39 -23.31 0.64 23.59
C THR D 39 -23.06 0.10 22.20
N VAL D 40 -22.09 -0.79 22.07
CA VAL D 40 -21.77 -1.44 20.80
C VAL D 40 -22.06 -2.91 20.93
N THR D 41 -22.80 -3.46 19.98
CA THR D 41 -23.12 -4.88 19.98
C THR D 41 -22.26 -5.59 18.94
N LEU D 42 -21.56 -6.63 19.39
CA LEU D 42 -20.69 -7.42 18.54
C LEU D 42 -21.29 -8.79 18.27
N GLY D 43 -21.14 -9.27 17.05
CA GLY D 43 -21.44 -10.65 16.74
C GLY D 43 -20.49 -11.14 15.67
N PHE D 44 -20.10 -12.41 15.77
CA PHE D 44 -19.20 -13.01 14.81
C PHE D 44 -19.87 -14.12 14.02
N THR D 45 -19.59 -14.14 12.74
CA THR D 45 -19.97 -15.22 11.84
C THR D 45 -18.67 -15.84 11.36
N LEU D 46 -18.33 -17.02 11.88
CA LEU D 46 -17.07 -17.65 11.53
C LEU D 46 -17.21 -18.42 10.22
N GLN D 47 -16.42 -18.04 9.22
CA GLN D 47 -16.49 -18.62 7.88
C GLN D 47 -15.47 -19.73 7.63
N ASP D 48 -14.30 -19.66 8.24
CA ASP D 48 -13.26 -20.61 7.86
C ASP D 48 -12.12 -20.47 8.85
N ILE D 49 -11.47 -21.58 9.12
CA ILE D 49 -10.14 -21.57 9.71
C ILE D 49 -9.21 -21.96 8.58
N VAL D 50 -8.50 -20.97 8.03
CA VAL D 50 -7.71 -21.20 6.82
C VAL D 50 -6.47 -22.01 7.15
N LYS D 51 -5.78 -21.63 8.22
CA LYS D 51 -4.40 -22.06 8.39
C LYS D 51 -4.06 -22.08 9.87
N ALA D 52 -3.35 -23.12 10.29
CA ALA D 52 -2.87 -23.22 11.67
C ALA D 52 -1.39 -23.53 11.59
N ASP D 53 -0.56 -22.54 11.93
CA ASP D 53 0.88 -22.65 11.80
C ASP D 53 1.44 -23.04 13.17
N SER D 54 1.86 -24.30 13.30
CA SER D 54 2.46 -24.73 14.55
C SER D 54 3.94 -24.35 14.64
N SER D 55 4.53 -23.85 13.57
CA SER D 55 5.91 -23.38 13.64
C SER D 55 6.04 -21.98 14.23
N THR D 56 4.95 -21.20 14.24
CA THR D 56 4.93 -19.87 14.84
C THR D 56 3.80 -19.70 15.85
N ASN D 57 2.94 -20.68 15.99
CA ASN D 57 1.71 -20.61 16.80
C ASN D 57 0.83 -19.43 16.38
N GLU D 58 0.51 -19.40 15.09
CA GLU D 58 -0.42 -18.44 14.53
C GLU D 58 -1.50 -19.21 13.80
N VAL D 59 -2.72 -18.69 13.86
CA VAL D 59 -3.87 -19.29 13.16
C VAL D 59 -4.62 -18.18 12.43
N ASP D 60 -5.10 -18.48 11.22
CA ASP D 60 -5.81 -17.51 10.40
C ASP D 60 -7.30 -17.86 10.32
N LEU D 61 -8.16 -16.96 10.81
CA LEU D 61 -9.60 -17.05 10.65
C LEU D 61 -10.12 -16.05 9.63
N VAL D 62 -11.13 -16.47 8.86
CA VAL D 62 -11.98 -15.59 8.07
C VAL D 62 -13.36 -15.53 8.72
N TYR D 63 -13.85 -14.31 8.94
CA TYR D 63 -15.11 -14.13 9.65
C TYR D 63 -15.76 -12.82 9.23
N TYR D 64 -17.05 -12.73 9.49
CA TYR D 64 -17.80 -11.48 9.42
C TYR D 64 -17.89 -10.94 10.82
N GLU D 65 -17.59 -9.66 11.00
CA GLU D 65 -17.76 -9.03 12.30
C GLU D 65 -18.94 -8.07 12.21
N GLN D 66 -20.03 -8.42 12.88
CA GLN D 66 -21.21 -7.55 12.93
C GLN D 66 -21.07 -6.54 14.06
N GLN D 67 -21.22 -5.26 13.72
CA GLN D 67 -21.16 -4.19 14.70
C GLN D 67 -22.41 -3.34 14.59
N ARG D 68 -23.05 -3.08 15.73
CA ARG D 68 -24.26 -2.27 15.78
C ARG D 68 -24.18 -1.27 16.92
N TRP D 69 -24.55 -0.03 16.64
CA TRP D 69 -24.65 1.01 17.65
C TRP D 69 -25.70 2.00 17.18
N LYS D 70 -26.03 2.97 18.03
CA LYS D 70 -27.08 3.93 17.70
C LYS D 70 -26.70 5.31 18.18
N LEU D 71 -26.94 6.32 17.35
CA LEU D 71 -26.63 7.71 17.68
C LEU D 71 -27.88 8.56 17.48
N ASN D 72 -28.15 9.42 18.46
CA ASN D 72 -29.25 10.36 18.32
C ASN D 72 -28.95 11.41 17.25
N SER D 73 -27.67 11.73 17.05
CA SER D 73 -27.31 12.68 16.00
C SER D 73 -27.56 12.12 14.61
N LEU D 74 -27.95 10.86 14.48
CA LEU D 74 -28.18 10.23 13.18
C LEU D 74 -29.64 9.90 12.94
N MET D 75 -30.54 10.35 13.80
CA MET D 75 -31.96 10.08 13.65
C MET D 75 -32.66 11.16 12.85
N TRP D 76 -33.68 10.78 12.09
CA TRP D 76 -34.41 11.75 11.28
C TRP D 76 -35.87 11.33 11.15
N ASP D 77 -36.67 12.27 10.65
CA ASP D 77 -38.09 12.04 10.41
C ASP D 77 -38.28 11.58 8.96
N PRO D 78 -38.69 10.33 8.72
CA PRO D 78 -38.86 9.87 7.33
C PRO D 78 -39.79 10.73 6.48
N ASN D 79 -40.80 11.35 7.09
CA ASN D 79 -41.76 12.14 6.30
C ASN D 79 -41.13 13.41 5.77
N GLU D 80 -40.23 14.03 6.53
CA GLU D 80 -39.48 15.17 6.02
C GLU D 80 -38.62 14.81 4.82
N TYR D 81 -38.36 13.51 4.61
CA TYR D 81 -37.46 13.08 3.55
C TYR D 81 -38.10 12.03 2.64
N GLY D 82 -39.39 12.12 2.42
CA GLY D 82 -40.00 11.24 1.43
C GLY D 82 -40.04 9.77 1.80
N ASN D 83 -40.21 9.46 3.09
CA ASN D 83 -40.39 8.07 3.55
C ASN D 83 -39.16 7.23 3.26
N ILE D 84 -37.97 7.81 3.45
CA ILE D 84 -36.75 7.01 3.48
C ILE D 84 -36.56 6.47 4.89
N THR D 85 -36.38 5.16 4.99
CA THR D 85 -36.18 4.54 6.28
C THR D 85 -34.72 4.24 6.59
N ASP D 86 -33.90 3.98 5.58
CA ASP D 86 -32.49 3.71 5.81
C ASP D 86 -31.68 4.10 4.58
N PHE D 87 -30.37 4.29 4.78
CA PHE D 87 -29.49 4.57 3.66
C PHE D 87 -28.13 3.90 3.89
N ARG D 88 -27.48 3.59 2.78
CA ARG D 88 -26.11 3.06 2.75
C ARG D 88 -25.14 4.21 2.64
N THR D 89 -24.03 4.13 3.38
CA THR D 89 -22.98 5.14 3.31
C THR D 89 -21.63 4.50 3.58
N SER D 90 -20.58 5.12 3.01
CA SER D 90 -19.21 4.68 3.24
C SER D 90 -18.86 4.74 4.71
N ALA D 91 -18.17 3.71 5.21
CA ALA D 91 -17.82 3.68 6.63
C ALA D 91 -16.90 4.84 7.01
N ALA D 92 -16.16 5.39 6.03
CA ALA D 92 -15.37 6.59 6.25
C ALA D 92 -16.24 7.81 6.51
N ASP D 93 -17.47 7.84 5.97
CA ASP D 93 -18.31 9.02 6.09
C ASP D 93 -18.91 9.20 7.48
N ILE D 94 -18.80 8.20 8.36
CA ILE D 94 -19.41 8.24 9.68
C ILE D 94 -18.37 7.84 10.70
N TRP D 95 -18.71 8.05 11.97
CA TRP D 95 -17.88 7.54 13.05
C TRP D 95 -18.10 6.05 13.17
N THR D 96 -17.03 5.33 13.48
CA THR D 96 -17.13 3.90 13.70
C THR D 96 -16.31 3.58 14.94
N PRO D 97 -16.65 2.51 15.64
CA PRO D 97 -15.92 2.16 16.86
C PRO D 97 -14.57 1.49 16.59
N ASP D 98 -13.71 1.58 17.59
CA ASP D 98 -12.32 1.15 17.48
C ASP D 98 -12.12 -0.27 18.03
N ILE D 99 -12.99 -1.19 17.63
CA ILE D 99 -12.95 -2.56 18.12
C ILE D 99 -11.80 -3.30 17.46
N THR D 100 -10.94 -3.90 18.29
CA THR D 100 -9.67 -4.45 17.85
C THR D 100 -9.46 -5.84 18.45
N ALA D 101 -9.03 -6.79 17.62
CA ALA D 101 -8.45 -8.00 18.18
C ALA D 101 -7.22 -7.63 18.99
N TYR D 102 -7.13 -8.14 20.22
CA TYR D 102 -6.07 -7.79 21.16
C TYR D 102 -4.82 -8.64 21.00
N SER D 103 -4.88 -9.75 20.28
CA SER D 103 -3.73 -10.64 20.15
C SER D 103 -3.46 -11.01 18.69
N SER D 104 -3.82 -10.16 17.75
CA SER D 104 -3.41 -10.37 16.36
C SER D 104 -1.89 -10.29 16.24
N THR D 105 -1.36 -10.93 15.20
CA THR D 105 0.07 -10.90 14.90
C THR D 105 0.39 -10.29 13.54
N ARG D 106 -0.62 -9.92 12.77
CA ARG D 106 -0.54 -9.29 11.45
CA ARG D 106 -0.50 -9.23 11.52
C ARG D 106 -1.63 -8.26 11.37
N PRO D 107 -1.47 -7.20 10.56
CA PRO D 107 -2.58 -6.29 10.31
C PRO D 107 -3.79 -7.07 9.81
N VAL D 108 -4.99 -6.67 10.24
CA VAL D 108 -6.18 -7.29 9.70
C VAL D 108 -6.25 -7.03 8.20
N GLN D 109 -6.68 -8.04 7.45
CA GLN D 109 -6.99 -7.88 6.03
C GLN D 109 -8.51 -7.82 5.83
N VAL D 110 -8.97 -6.82 5.11
CA VAL D 110 -10.40 -6.55 4.94
C VAL D 110 -10.84 -7.18 3.63
N LEU D 111 -11.87 -8.02 3.68
CA LEU D 111 -12.28 -8.82 2.53
C LEU D 111 -13.55 -8.30 1.88
N SER D 112 -14.10 -7.20 2.36
CA SER D 112 -15.43 -6.77 1.96
C SER D 112 -15.44 -5.25 1.86
N PRO D 113 -16.32 -4.69 1.04
CA PRO D 113 -16.53 -3.24 1.07
C PRO D 113 -16.78 -2.79 2.50
N GLN D 114 -16.47 -1.53 2.77
CA GLN D 114 -16.66 -0.99 4.10
C GLN D 114 -17.75 0.07 4.00
N ILE D 115 -18.99 -0.42 3.97
CA ILE D 115 -20.18 0.38 3.83
C ILE D 115 -21.11 0.02 4.98
N ALA D 116 -21.72 1.02 5.56
CA ALA D 116 -22.60 0.89 6.70
C ALA D 116 -24.03 1.24 6.29
N VAL D 117 -24.98 0.69 7.04
CA VAL D 117 -26.39 1.01 6.85
C VAL D 117 -26.83 1.78 8.08
N VAL D 118 -27.37 2.98 7.85
CA VAL D 118 -27.92 3.82 8.90
C VAL D 118 -29.44 3.79 8.78
N THR D 119 -30.12 3.64 9.92
CA THR D 119 -31.58 3.61 9.95
C THR D 119 -32.11 4.85 10.68
N HIS D 120 -33.36 5.22 10.37
CA HIS D 120 -33.89 6.51 10.79
C HIS D 120 -33.97 6.68 12.31
N ASP D 121 -33.98 5.58 13.05
CA ASP D 121 -33.87 5.69 14.51
C ASP D 121 -32.47 6.06 14.98
N GLY D 122 -31.51 6.14 14.07
CA GLY D 122 -30.14 6.48 14.42
C GLY D 122 -29.24 5.29 14.62
N SER D 123 -29.72 4.08 14.37
CA SER D 123 -28.91 2.89 14.55
C SER D 123 -28.07 2.62 13.31
N VAL D 124 -26.83 2.21 13.53
CA VAL D 124 -25.87 1.89 12.47
C VAL D 124 -25.60 0.40 12.53
N MET D 125 -25.48 -0.23 11.37
CA MET D 125 -24.99 -1.60 11.31
C MET D 125 -23.82 -1.65 10.34
N PHE D 126 -22.76 -2.35 10.73
CA PHE D 126 -21.53 -2.38 9.94
C PHE D 126 -20.95 -3.78 10.02
N ILE D 127 -20.80 -4.46 8.87
CA ILE D 127 -20.41 -5.87 8.89
C ILE D 127 -19.19 -6.12 8.01
N PRO D 128 -17.98 -5.74 8.43
CA PRO D 128 -16.80 -6.02 7.60
C PRO D 128 -16.40 -7.48 7.69
N ALA D 129 -16.04 -8.04 6.54
CA ALA D 129 -15.42 -9.35 6.48
C ALA D 129 -13.91 -9.20 6.64
N GLN D 130 -13.32 -10.05 7.46
CA GLN D 130 -11.93 -9.89 7.83
C GLN D 130 -11.23 -11.24 7.78
N ARG D 131 -9.93 -11.21 7.49
CA ARG D 131 -9.02 -12.31 7.77
C ARG D 131 -8.04 -11.86 8.85
N LEU D 132 -7.87 -12.69 9.88
CA LEU D 132 -7.11 -12.35 11.07
C LEU D 132 -6.10 -13.44 11.37
N SER D 133 -4.83 -13.08 11.49
CA SER D 133 -3.82 -13.91 12.13
C SER D 133 -3.76 -13.55 13.60
N PHE D 134 -3.71 -14.56 14.46
CA PHE D 134 -3.67 -14.25 15.88
C PHE D 134 -2.92 -15.36 16.60
N MET D 135 -2.57 -15.10 17.85
CA MET D 135 -1.74 -16.00 18.63
C MET D 135 -2.53 -17.23 19.04
N CYS D 136 -2.12 -18.39 18.57
CA CYS D 136 -2.87 -19.61 18.81
C CYS D 136 -1.91 -20.78 18.72
N ASP D 137 -1.84 -21.55 19.79
CA ASP D 137 -1.11 -22.81 19.80
C ASP D 137 -2.10 -23.89 19.38
N PRO D 138 -1.91 -24.56 18.24
CA PRO D 138 -2.89 -25.53 17.78
C PRO D 138 -2.53 -26.96 18.11
N THR D 139 -1.63 -27.16 19.07
CA THR D 139 -1.29 -28.52 19.50
C THR D 139 -2.55 -29.30 19.84
N GLY D 140 -2.62 -30.53 19.35
CA GLY D 140 -3.79 -31.35 19.56
C GLY D 140 -4.87 -31.22 18.51
N VAL D 141 -4.64 -30.41 17.46
CA VAL D 141 -5.60 -30.27 16.38
C VAL D 141 -5.76 -31.56 15.60
N ASP D 142 -4.77 -32.45 15.68
CA ASP D 142 -4.82 -33.76 15.06
C ASP D 142 -5.23 -34.83 16.07
N SER D 143 -6.17 -34.48 16.94
CA SER D 143 -6.70 -35.38 17.93
C SER D 143 -8.19 -35.13 18.05
N GLU D 144 -8.92 -36.17 18.50
CA GLU D 144 -10.36 -36.05 18.66
C GLU D 144 -10.72 -34.93 19.63
N GLU D 145 -9.90 -34.70 20.64
CA GLU D 145 -10.15 -33.59 21.55
C GLU D 145 -10.04 -32.25 20.82
N GLY D 146 -9.06 -32.14 19.92
CA GLY D 146 -8.90 -30.94 19.12
C GLY D 146 -8.01 -29.92 19.81
N ALA D 147 -8.08 -28.70 19.31
CA ALA D 147 -7.35 -27.60 19.88
C ALA D 147 -8.33 -26.50 20.26
N THR D 148 -7.88 -25.63 21.14
CA THR D 148 -8.68 -24.52 21.63
C THR D 148 -7.85 -23.25 21.50
N CYS D 149 -8.44 -22.20 20.97
CA CYS D 149 -7.79 -20.92 20.91
C CYS D 149 -8.78 -19.80 21.16
N ALA D 150 -8.30 -18.71 21.71
CA ALA D 150 -9.13 -17.58 22.04
C ALA D 150 -8.44 -16.29 21.61
N VAL D 151 -9.24 -15.31 21.20
CA VAL D 151 -8.78 -13.95 20.98
C VAL D 151 -9.83 -13.00 21.52
N LYS D 152 -9.41 -12.02 22.31
CA LYS D 152 -10.33 -11.02 22.84
C LYS D 152 -10.46 -9.85 21.87
N PHE D 153 -11.66 -9.29 21.80
CA PHE D 153 -11.93 -8.10 21.02
C PHE D 153 -12.43 -7.01 21.96
N GLY D 154 -12.06 -5.77 21.68
CA GLY D 154 -12.55 -4.67 22.49
C GLY D 154 -11.99 -3.35 22.01
N SER D 155 -12.49 -2.28 22.60
CA SER D 155 -12.05 -0.95 22.26
C SER D 155 -10.58 -0.77 22.60
N TRP D 156 -9.90 0.04 21.81
CA TRP D 156 -8.49 0.29 22.04
C TRP D 156 -8.25 1.45 23.00
N VAL D 157 -9.15 2.42 23.08
CA VAL D 157 -8.91 3.59 23.92
C VAL D 157 -10.08 3.90 24.87
N TYR D 158 -11.19 3.20 24.76
CA TYR D 158 -12.34 3.53 25.60
C TYR D 158 -12.55 2.47 26.69
N SER D 159 -12.92 2.93 27.88
CA SER D 159 -13.29 2.05 28.97
C SER D 159 -14.75 1.65 28.86
N GLY D 160 -15.21 0.83 29.81
CA GLY D 160 -16.62 0.50 29.88
C GLY D 160 -17.52 1.71 30.07
N PHE D 161 -17.02 2.75 30.75
CA PHE D 161 -17.82 3.94 30.97
C PHE D 161 -18.05 4.75 29.69
N GLU D 162 -17.25 4.51 28.65
CA GLU D 162 -17.40 5.24 27.40
C GLU D 162 -17.99 4.38 26.28
N ILE D 163 -17.48 3.17 26.08
CA ILE D 163 -18.13 2.20 25.21
C ILE D 163 -18.45 0.97 26.03
N ASP D 164 -19.71 0.53 25.94
CA ASP D 164 -20.17 -0.69 26.60
C ASP D 164 -20.34 -1.74 25.52
N LEU D 165 -19.59 -2.84 25.64
CA LEU D 165 -19.60 -3.90 24.63
C LEU D 165 -20.57 -4.99 25.05
N LYS D 166 -21.47 -5.36 24.14
CA LYS D 166 -22.48 -6.36 24.40
C LYS D 166 -22.55 -7.35 23.25
N THR D 167 -23.07 -8.53 23.53
CA THR D 167 -23.41 -9.52 22.53
C THR D 167 -24.90 -9.81 22.63
N ASP D 168 -25.50 -10.17 21.50
CA ASP D 168 -26.89 -10.63 21.49
C ASP D 168 -27.00 -12.11 21.73
N THR D 169 -25.87 -12.81 21.82
CA THR D 169 -25.80 -14.23 22.10
C THR D 169 -24.33 -14.56 22.32
N ASP D 170 -24.09 -15.67 22.99
CA ASP D 170 -22.74 -16.15 23.19
C ASP D 170 -22.41 -17.30 22.24
N GLN D 171 -23.28 -17.59 21.29
CA GLN D 171 -23.04 -18.60 20.26
C GLN D 171 -22.56 -17.91 18.99
N VAL D 172 -21.38 -18.31 18.52
CA VAL D 172 -20.89 -17.80 17.24
C VAL D 172 -21.70 -18.44 16.12
N ASP D 173 -22.09 -17.63 15.14
CA ASP D 173 -22.85 -18.15 14.01
C ASP D 173 -21.95 -19.03 13.15
N LEU D 174 -22.29 -20.32 13.08
CA LEU D 174 -21.59 -21.31 12.28
C LEU D 174 -22.39 -21.71 11.05
N SER D 175 -23.48 -21.01 10.73
CA SER D 175 -24.31 -21.48 9.64
C SER D 175 -23.68 -21.27 8.27
N SER D 176 -22.61 -20.48 8.19
CA SER D 176 -21.90 -20.26 6.93
C SER D 176 -20.48 -20.82 6.98
N TYR D 177 -20.16 -21.64 7.97
CA TYR D 177 -18.81 -22.16 8.07
C TYR D 177 -18.53 -23.07 6.89
N TYR D 178 -17.36 -22.90 6.29
CA TYR D 178 -17.00 -23.63 5.08
C TYR D 178 -16.98 -25.13 5.37
N ALA D 179 -17.87 -25.86 4.68
CA ALA D 179 -18.09 -27.28 4.94
C ALA D 179 -16.89 -28.13 4.57
N SER D 180 -16.05 -27.68 3.65
CA SER D 180 -14.86 -28.43 3.27
C SER D 180 -13.58 -27.81 3.85
N SER D 181 -13.69 -27.09 4.95
CA SER D 181 -12.48 -26.53 5.57
C SER D 181 -11.54 -27.66 5.97
N LYS D 182 -10.25 -27.34 6.08
CA LYS D 182 -9.32 -28.33 6.60
C LYS D 182 -9.59 -28.62 8.06
N TYR D 183 -10.31 -27.76 8.76
CA TYR D 183 -10.58 -27.88 10.19
C TYR D 183 -12.07 -27.83 10.43
N GLU D 184 -12.59 -28.76 11.23
CA GLU D 184 -13.99 -28.69 11.62
C GLU D 184 -14.10 -28.02 12.97
N ILE D 185 -15.14 -27.24 13.13
CA ILE D 185 -15.37 -26.53 14.38
C ILE D 185 -16.07 -27.47 15.35
N LEU D 186 -15.50 -27.59 16.56
CA LEU D 186 -16.13 -28.32 17.65
C LEU D 186 -17.03 -27.41 18.46
N SER D 187 -16.62 -26.16 18.65
CA SER D 187 -17.50 -25.17 19.24
C SER D 187 -16.88 -23.81 19.01
N ALA D 188 -17.67 -22.77 19.23
CA ALA D 188 -17.22 -21.41 18.99
C ALA D 188 -18.14 -20.48 19.77
N THR D 189 -17.58 -19.80 20.78
CA THR D 189 -18.36 -18.91 21.61
C THR D 189 -17.78 -17.51 21.58
N GLN D 190 -18.65 -16.54 21.86
CA GLN D 190 -18.31 -15.12 21.95
C GLN D 190 -18.89 -14.64 23.27
N THR D 191 -18.02 -14.32 24.22
CA THR D 191 -18.45 -14.08 25.59
C THR D 191 -17.97 -12.74 26.09
N ARG D 192 -18.92 -11.89 26.44
CA ARG D 192 -18.65 -10.63 27.11
C ARG D 192 -17.88 -10.88 28.40
N GLN D 193 -16.85 -10.07 28.63
CA GLN D 193 -16.06 -10.10 29.86
C GLN D 193 -15.93 -8.69 30.38
N VAL D 194 -16.10 -8.53 31.69
CA VAL D 194 -15.86 -7.28 32.38
C VAL D 194 -14.67 -7.51 33.28
N GLN D 195 -13.64 -6.68 33.14
CA GLN D 195 -12.43 -6.79 33.94
C GLN D 195 -12.24 -5.51 34.72
N HIS D 196 -11.99 -5.66 36.02
CA HIS D 196 -11.76 -4.54 36.92
C HIS D 196 -10.30 -4.54 37.31
N TYR D 197 -9.68 -3.37 37.31
CA TYR D 197 -8.26 -3.31 37.61
C TYR D 197 -8.06 -2.87 39.04
N SER D 198 -7.07 -3.51 39.67
CA SER D 198 -6.69 -3.24 41.06
C SER D 198 -6.70 -1.75 41.35
N CYS D 199 -6.01 -0.98 40.50
CA CYS D 199 -5.79 0.44 40.70
C CYS D 199 -7.05 1.29 40.60
N CYS D 200 -8.07 0.80 39.94
CA CYS D 200 -8.93 1.74 39.23
C CYS D 200 -10.37 1.28 39.18
N PRO D 201 -11.31 2.23 39.18
CA PRO D 201 -12.72 1.85 39.33
C PRO D 201 -13.39 1.40 38.05
N GLU D 202 -13.12 2.06 36.94
CA GLU D 202 -13.81 1.77 35.67
C GLU D 202 -13.65 0.32 35.26
N PRO D 203 -14.68 -0.24 34.64
CA PRO D 203 -14.57 -1.56 34.04
C PRO D 203 -14.01 -1.50 32.63
N TYR D 204 -13.31 -2.57 32.26
CA TYR D 204 -12.82 -2.75 30.91
C TYR D 204 -13.45 -4.00 30.35
N ILE D 205 -13.99 -3.89 29.15
CA ILE D 205 -14.89 -4.87 28.59
C ILE D 205 -14.34 -5.36 27.27
N ASP D 206 -14.41 -6.67 27.07
CA ASP D 206 -14.00 -7.32 25.85
C ASP D 206 -15.01 -8.40 25.52
N VAL D 207 -15.00 -8.84 24.27
CA VAL D 207 -15.77 -10.00 23.85
C VAL D 207 -14.74 -11.04 23.48
N ASN D 208 -14.76 -12.16 24.16
CA ASN D 208 -13.75 -13.21 24.00
C ASN D 208 -14.28 -14.26 23.04
N LEU D 209 -13.59 -14.42 21.91
CA LEU D 209 -13.92 -15.44 20.92
C LEU D 209 -13.10 -16.68 21.24
N VAL D 210 -13.77 -17.77 21.60
CA VAL D 210 -13.11 -19.04 21.90
C VAL D 210 -13.56 -20.04 20.84
N VAL D 211 -12.61 -20.77 20.30
CA VAL D 211 -12.87 -21.65 19.17
C VAL D 211 -12.12 -22.95 19.41
N LYS D 212 -12.87 -24.06 19.45
CA LYS D 212 -12.29 -25.38 19.58
C LYS D 212 -12.43 -26.08 18.24
N PHE D 213 -11.36 -26.70 17.76
CA PHE D 213 -11.35 -27.15 16.38
C PHE D 213 -10.37 -28.29 16.21
N ARG D 214 -10.53 -29.04 15.12
CA ARG D 214 -9.64 -30.14 14.81
C ARG D 214 -9.61 -30.38 13.32
N GLU D 215 -8.60 -31.11 12.86
CA GLU D 215 -8.49 -31.49 11.47
C GLU D 215 -9.66 -32.35 11.05
N ARG D 216 -10.27 -32.02 9.90
CA ARG D 216 -11.40 -32.77 9.36
C ARG D 216 -11.01 -34.18 8.98
N ASP E 5 -8.30 20.11 -36.48
CA ASP E 5 -7.47 20.64 -35.39
C ASP E 5 -8.24 21.63 -34.54
N ASP E 6 -8.88 22.60 -35.19
CA ASP E 6 -9.88 23.39 -34.49
C ASP E 6 -11.08 22.53 -34.11
N ASP E 7 -11.44 21.58 -34.99
CA ASP E 7 -12.50 20.65 -34.67
C ASP E 7 -12.09 19.69 -33.57
N LYS E 8 -10.81 19.30 -33.54
CA LYS E 8 -10.32 18.38 -32.52
C LYS E 8 -10.34 19.03 -31.14
N LEU E 9 -9.90 20.29 -31.05
CA LEU E 9 -10.02 21.00 -29.78
C LEU E 9 -11.47 21.18 -29.38
N HIS E 10 -12.37 21.30 -30.37
CA HIS E 10 -13.78 21.50 -30.06
C HIS E 10 -14.41 20.24 -29.49
N SER E 11 -14.01 19.07 -29.99
CA SER E 11 -14.51 17.82 -29.43
C SER E 11 -13.97 17.61 -28.01
N GLN E 12 -12.72 18.00 -27.76
CA GLN E 12 -12.16 17.90 -26.41
C GLN E 12 -12.91 18.81 -25.45
N ALA E 13 -13.37 19.95 -25.93
CA ALA E 13 -14.10 20.86 -25.06
C ALA E 13 -15.51 20.34 -24.78
N ASN E 14 -16.18 19.80 -25.80
CA ASN E 14 -17.46 19.15 -25.61
C ASN E 14 -17.38 18.06 -24.54
N LEU E 15 -16.36 17.20 -24.66
CA LEU E 15 -16.20 16.09 -23.72
C LEU E 15 -15.97 16.59 -22.30
N MET E 16 -15.01 17.52 -22.12
CA MET E 16 -14.74 18.06 -20.80
C MET E 16 -15.99 18.69 -20.22
N ARG E 17 -16.74 19.40 -21.07
CA ARG E 17 -17.98 19.99 -20.63
C ARG E 17 -19.00 18.93 -20.26
N LEU E 18 -19.05 17.83 -21.02
CA LEU E 18 -20.00 16.76 -20.74
C LEU E 18 -19.69 16.09 -19.40
N LYS E 19 -18.42 15.71 -19.21
CA LYS E 19 -18.01 15.12 -17.94
C LYS E 19 -18.28 16.05 -16.77
N SER E 20 -17.96 17.34 -16.95
CA SER E 20 -18.16 18.31 -15.88
C SER E 20 -19.61 18.35 -15.44
N ASP E 21 -20.53 18.37 -16.40
CA ASP E 21 -21.95 18.40 -16.06
C ASP E 21 -22.37 17.11 -15.35
N LEU E 22 -21.93 15.97 -15.86
CA LEU E 22 -22.29 14.70 -15.24
C LEU E 22 -21.63 14.56 -13.87
N PHE E 23 -20.31 14.80 -13.79
CA PHE E 23 -19.60 14.56 -12.54
C PHE E 23 -19.95 15.58 -11.46
N ASN E 24 -20.57 16.70 -11.83
CA ASN E 24 -21.00 17.68 -10.84
C ASN E 24 -22.52 17.84 -10.89
N TYR E 29 -25.23 11.04 -7.10
CA TYR E 29 -25.88 9.73 -7.05
C TYR E 29 -25.55 9.01 -5.75
N PRO E 30 -26.56 8.88 -4.89
CA PRO E 30 -26.34 8.30 -3.55
C PRO E 30 -26.40 6.79 -3.50
N GLY E 31 -26.39 6.13 -4.65
CA GLY E 31 -26.58 4.71 -4.72
C GLY E 31 -28.03 4.37 -5.00
N PRO E 32 -28.31 3.10 -5.27
CA PRO E 32 -29.69 2.69 -5.56
C PRO E 32 -30.51 2.63 -4.27
N THR E 33 -31.83 2.66 -4.46
CA THR E 33 -32.79 2.62 -3.37
C THR E 33 -33.95 1.70 -3.76
N LYS E 34 -34.78 1.37 -2.77
CA LYS E 34 -35.99 0.57 -3.04
C LYS E 34 -36.88 1.27 -4.07
N ASP E 35 -36.94 2.60 -4.02
CA ASP E 35 -37.74 3.35 -4.98
C ASP E 35 -37.04 3.52 -6.32
N ASP E 36 -35.72 3.44 -6.37
CA ASP E 36 -34.95 3.56 -7.62
C ASP E 36 -33.97 2.39 -7.75
N PRO E 37 -34.45 1.19 -8.05
CA PRO E 37 -33.59 0.02 -8.05
C PRO E 37 -32.67 -0.04 -9.27
N LEU E 38 -31.66 -0.88 -9.15
CA LEU E 38 -30.61 -0.96 -10.13
C LEU E 38 -30.36 -2.41 -10.51
N THR E 39 -30.15 -2.65 -11.80
CA THR E 39 -29.78 -3.97 -12.30
C THR E 39 -28.30 -3.96 -12.71
N VAL E 40 -27.53 -4.88 -12.14
CA VAL E 40 -26.13 -5.09 -12.49
C VAL E 40 -26.01 -6.44 -13.17
N THR E 41 -25.49 -6.46 -14.40
CA THR E 41 -25.20 -7.69 -15.11
C THR E 41 -23.72 -8.07 -14.93
N LEU E 42 -23.48 -9.33 -14.59
CA LEU E 42 -22.15 -9.88 -14.37
C LEU E 42 -21.87 -10.99 -15.36
N GLY E 43 -20.63 -11.03 -15.83
CA GLY E 43 -20.11 -12.19 -16.53
C GLY E 43 -18.65 -12.37 -16.22
N PHE E 44 -18.20 -13.63 -16.23
CA PHE E 44 -16.82 -13.95 -15.90
C PHE E 44 -16.11 -14.53 -17.11
N THR E 45 -14.90 -14.02 -17.37
CA THR E 45 -13.94 -14.63 -18.28
C THR E 45 -12.84 -15.24 -17.42
N LEU E 46 -12.73 -16.56 -17.44
CA LEU E 46 -11.74 -17.26 -16.64
C LEU E 46 -10.47 -17.42 -17.44
N GLN E 47 -9.37 -16.87 -16.93
CA GLN E 47 -8.06 -16.90 -17.58
C GLN E 47 -7.15 -18.00 -17.08
N ASP E 48 -7.19 -18.31 -15.79
CA ASP E 48 -6.24 -19.26 -15.25
C ASP E 48 -6.66 -19.65 -13.85
N ILE E 49 -6.46 -20.92 -13.52
CA ILE E 49 -6.36 -21.36 -12.13
C ILE E 49 -4.88 -21.43 -11.84
N VAL E 50 -4.37 -20.50 -11.04
CA VAL E 50 -2.93 -20.38 -10.87
C VAL E 50 -2.45 -21.38 -9.84
N LYS E 51 -3.13 -21.44 -8.70
CA LYS E 51 -2.68 -22.19 -7.54
C LYS E 51 -3.87 -22.89 -6.90
N ALA E 52 -3.61 -24.10 -6.40
CA ALA E 52 -4.61 -24.87 -5.67
C ALA E 52 -3.88 -25.49 -4.49
N ASP E 53 -4.14 -24.96 -3.30
CA ASP E 53 -3.39 -25.32 -2.10
C ASP E 53 -4.17 -26.34 -1.27
N SER E 54 -3.67 -27.57 -1.24
CA SER E 54 -4.31 -28.64 -0.47
C SER E 54 -4.10 -28.51 1.03
N SER E 55 -3.09 -27.74 1.45
CA SER E 55 -2.81 -27.62 2.88
C SER E 55 -3.67 -26.58 3.57
N THR E 56 -4.33 -25.68 2.82
CA THR E 56 -5.23 -24.69 3.39
C THR E 56 -6.62 -24.70 2.76
N ASN E 57 -6.80 -25.45 1.69
CA ASN E 57 -8.04 -25.46 0.89
C ASN E 57 -8.40 -24.05 0.44
N GLU E 58 -7.46 -23.44 -0.27
CA GLU E 58 -7.63 -22.20 -0.98
C GLU E 58 -7.26 -22.42 -2.43
N VAL E 59 -7.90 -21.68 -3.32
CA VAL E 59 -7.61 -21.77 -4.73
C VAL E 59 -7.55 -20.35 -5.27
N ASP E 60 -6.65 -20.12 -6.21
CA ASP E 60 -6.40 -18.80 -6.76
C ASP E 60 -6.86 -18.75 -8.20
N LEU E 61 -7.79 -17.85 -8.50
CA LEU E 61 -8.28 -17.68 -9.86
C LEU E 61 -7.87 -16.31 -10.40
N VAL E 62 -7.59 -16.26 -11.70
CA VAL E 62 -7.37 -15.03 -12.44
C VAL E 62 -8.48 -14.93 -13.47
N TYR E 63 -9.20 -13.82 -13.47
CA TYR E 63 -10.35 -13.70 -14.33
C TYR E 63 -10.63 -12.23 -14.63
N TYR E 64 -11.49 -12.01 -15.62
CA TYR E 64 -12.15 -10.74 -15.87
C TYR E 64 -13.57 -10.79 -15.31
N GLU E 65 -13.97 -9.73 -14.62
CA GLU E 65 -15.31 -9.65 -14.04
C GLU E 65 -16.07 -8.51 -14.71
N GLN E 66 -16.80 -8.83 -15.77
CA GLN E 66 -17.52 -7.82 -16.54
C GLN E 66 -18.78 -7.39 -15.81
N GLN E 67 -18.95 -6.09 -15.63
CA GLN E 67 -20.06 -5.49 -14.90
C GLN E 67 -20.72 -4.42 -15.76
N ARG E 68 -22.02 -4.53 -15.95
CA ARG E 68 -22.78 -3.53 -16.70
C ARG E 68 -23.96 -3.10 -15.84
N TRP E 69 -24.31 -1.82 -15.92
CA TRP E 69 -25.42 -1.24 -15.18
C TRP E 69 -25.78 0.05 -15.89
N LYS E 70 -26.90 0.65 -15.49
CA LYS E 70 -27.47 1.77 -16.22
C LYS E 70 -28.06 2.77 -15.24
N LEU E 71 -27.60 4.03 -15.31
CA LEU E 71 -28.08 5.09 -14.43
C LEU E 71 -28.71 6.19 -15.27
N ASN E 72 -29.92 6.61 -14.87
CA ASN E 72 -30.59 7.72 -15.55
C ASN E 72 -29.83 9.02 -15.37
N SER E 73 -29.08 9.16 -14.29
CA SER E 73 -28.35 10.39 -14.01
C SER E 73 -27.09 10.53 -14.85
N LEU E 74 -26.72 9.50 -15.62
CA LEU E 74 -25.58 9.55 -16.53
C LEU E 74 -26.02 9.72 -17.97
N MET E 75 -27.30 9.99 -18.20
CA MET E 75 -27.84 10.17 -19.54
C MET E 75 -27.46 11.54 -20.10
N TRP E 76 -27.27 11.59 -21.41
CA TRP E 76 -27.11 12.88 -22.07
C TRP E 76 -27.56 12.77 -23.52
N ASP E 77 -28.00 13.90 -24.06
CA ASP E 77 -28.38 14.04 -25.46
C ASP E 77 -27.12 14.31 -26.27
N PRO E 78 -26.70 13.42 -27.16
CA PRO E 78 -25.47 13.67 -27.95
C PRO E 78 -25.51 14.97 -28.72
N ASN E 79 -26.70 15.39 -29.14
CA ASN E 79 -26.87 16.61 -29.92
C ASN E 79 -26.40 17.84 -29.13
N GLU E 80 -26.59 17.83 -27.82
CA GLU E 80 -26.17 18.97 -27.01
C GLU E 80 -24.68 18.91 -26.63
N TYR E 81 -23.92 17.96 -27.15
CA TYR E 81 -22.50 17.80 -26.79
C TYR E 81 -21.68 17.32 -27.98
N GLY E 82 -21.86 17.97 -29.12
CA GLY E 82 -21.06 17.67 -30.29
C GLY E 82 -21.18 16.25 -30.79
N ASN E 83 -22.35 15.63 -30.62
CA ASN E 83 -22.61 14.27 -31.09
C ASN E 83 -21.71 13.24 -30.42
N ILE E 84 -21.27 13.54 -29.20
CA ILE E 84 -20.52 12.54 -28.43
C ILE E 84 -21.49 11.48 -27.92
N THR E 85 -21.17 10.22 -28.21
CA THR E 85 -22.03 9.11 -27.83
C THR E 85 -21.50 8.33 -26.63
N ASP E 86 -20.24 8.49 -26.26
CA ASP E 86 -19.67 7.74 -25.15
C ASP E 86 -18.31 8.30 -24.75
N PHE E 87 -17.84 7.91 -23.57
CA PHE E 87 -16.52 8.31 -23.13
C PHE E 87 -15.95 7.29 -22.14
N ARG E 88 -14.63 7.27 -22.04
CA ARG E 88 -13.89 6.56 -21.00
C ARG E 88 -13.69 7.44 -19.79
N THR E 89 -13.70 6.82 -18.63
CA THR E 89 -13.42 7.53 -17.41
C THR E 89 -12.87 6.53 -16.41
N SER E 90 -12.06 7.03 -15.49
CA SER E 90 -11.53 6.21 -14.42
C SER E 90 -12.68 5.70 -13.59
N ALA E 91 -12.65 4.41 -13.24
CA ALA E 91 -13.76 3.87 -12.47
C ALA E 91 -13.94 4.60 -11.15
N ALA E 92 -12.87 5.23 -10.64
CA ALA E 92 -12.93 6.01 -9.42
C ALA E 92 -13.66 7.33 -9.58
N ASP E 93 -13.98 7.75 -10.81
CA ASP E 93 -14.72 8.99 -11.03
C ASP E 93 -16.23 8.81 -11.05
N ILE E 94 -16.73 7.58 -11.04
CA ILE E 94 -18.16 7.32 -11.03
C ILE E 94 -18.46 6.37 -9.89
N TRP E 95 -19.74 6.24 -9.57
CA TRP E 95 -20.21 5.24 -8.65
C TRP E 95 -20.03 3.86 -9.26
N THR E 96 -19.57 2.90 -8.46
CA THR E 96 -19.52 1.52 -8.92
C THR E 96 -20.24 0.62 -7.93
N PRO E 97 -20.77 -0.51 -8.39
CA PRO E 97 -21.45 -1.43 -7.47
C PRO E 97 -20.48 -2.22 -6.60
N ASP E 98 -20.93 -2.51 -5.38
CA ASP E 98 -20.10 -3.20 -4.41
C ASP E 98 -20.14 -4.72 -4.57
N ILE E 99 -20.03 -5.22 -5.80
CA ILE E 99 -20.08 -6.67 -6.02
C ILE E 99 -18.85 -7.32 -5.40
N THR E 100 -19.07 -8.35 -4.58
CA THR E 100 -18.06 -8.93 -3.71
C THR E 100 -18.12 -10.45 -3.75
N ALA E 101 -16.96 -11.11 -3.77
CA ALA E 101 -16.95 -12.55 -3.55
C ALA E 101 -17.24 -12.82 -2.08
N TYR E 102 -18.10 -13.80 -1.82
CA TYR E 102 -18.55 -14.04 -0.45
C TYR E 102 -17.66 -14.99 0.33
N SER E 103 -16.80 -15.76 -0.33
CA SER E 103 -15.92 -16.68 0.37
C SER E 103 -14.47 -16.54 -0.09
N SER E 104 -14.00 -15.30 -0.30
CA SER E 104 -12.57 -15.11 -0.48
C SER E 104 -11.84 -15.27 0.85
N THR E 105 -10.53 -15.53 0.74
CA THR E 105 -9.66 -15.66 1.92
C THR E 105 -8.56 -14.62 1.94
N ARG E 106 -8.48 -13.75 0.93
CA ARG E 106 -7.54 -12.66 0.81
CA ARG E 106 -7.49 -12.68 0.77
C ARG E 106 -8.15 -11.51 0.07
N PRO E 107 -7.69 -10.28 0.32
CA PRO E 107 -8.13 -9.14 -0.48
C PRO E 107 -7.86 -9.42 -1.94
N VAL E 108 -8.78 -9.02 -2.80
CA VAL E 108 -8.63 -9.27 -4.22
C VAL E 108 -7.51 -8.38 -4.77
N GLN E 109 -6.74 -8.92 -5.70
CA GLN E 109 -5.70 -8.16 -6.36
C GLN E 109 -6.19 -7.70 -7.73
N VAL E 110 -6.02 -6.41 -7.99
CA VAL E 110 -6.39 -5.81 -9.26
C VAL E 110 -5.23 -5.95 -10.23
N LEU E 111 -5.53 -6.46 -11.43
CA LEU E 111 -4.50 -6.79 -12.41
C LEU E 111 -4.57 -5.92 -13.64
N SER E 112 -5.38 -4.87 -13.62
CA SER E 112 -5.60 -4.09 -14.83
C SER E 112 -5.91 -2.66 -14.42
N PRO E 113 -5.87 -1.74 -15.36
CA PRO E 113 -6.50 -0.44 -15.12
C PRO E 113 -7.95 -0.61 -14.71
N GLN E 114 -8.53 0.39 -14.08
CA GLN E 114 -9.95 0.36 -13.69
C GLN E 114 -10.63 1.54 -14.38
N ILE E 115 -11.09 1.30 -15.59
CA ILE E 115 -11.63 2.33 -16.46
C ILE E 115 -12.97 1.84 -16.99
N ALA E 116 -13.99 2.68 -16.88
CA ALA E 116 -15.32 2.35 -17.34
C ALA E 116 -15.65 3.13 -18.61
N VAL E 117 -16.59 2.61 -19.37
CA VAL E 117 -17.10 3.24 -20.58
C VAL E 117 -18.56 3.62 -20.31
N VAL E 118 -18.88 4.90 -20.46
CA VAL E 118 -20.21 5.42 -20.23
C VAL E 118 -20.81 5.78 -21.59
N THR E 119 -22.02 5.29 -21.86
CA THR E 119 -22.76 5.59 -23.09
C THR E 119 -23.88 6.59 -22.80
N HIS E 120 -24.29 7.31 -23.85
CA HIS E 120 -25.23 8.43 -23.68
C HIS E 120 -26.57 8.02 -23.10
N ASP E 121 -26.96 6.76 -23.21
CA ASP E 121 -28.21 6.32 -22.57
C ASP E 121 -28.05 6.04 -21.09
N GLY E 122 -26.85 6.22 -20.53
CA GLY E 122 -26.59 5.99 -19.12
C GLY E 122 -25.98 4.66 -18.78
N SER E 123 -25.67 3.84 -19.77
CA SER E 123 -25.07 2.54 -19.55
C SER E 123 -23.59 2.65 -19.23
N VAL E 124 -23.12 1.79 -18.34
CA VAL E 124 -21.73 1.74 -17.93
C VAL E 124 -21.22 0.31 -18.12
N MET E 125 -20.08 0.15 -18.80
CA MET E 125 -19.37 -1.13 -18.91
C MET E 125 -18.01 -1.05 -18.20
N PHE E 126 -17.72 -2.05 -17.39
CA PHE E 126 -16.54 -2.03 -16.54
C PHE E 126 -15.98 -3.44 -16.37
N ILE E 127 -14.76 -3.68 -16.86
CA ILE E 127 -14.17 -5.03 -16.85
C ILE E 127 -12.82 -5.07 -16.14
N PRO E 128 -12.76 -5.07 -14.82
CA PRO E 128 -11.46 -5.26 -14.15
C PRO E 128 -10.96 -6.70 -14.25
N ALA E 129 -9.66 -6.85 -14.47
CA ALA E 129 -9.01 -8.13 -14.27
C ALA E 129 -8.69 -8.31 -12.79
N GLN E 130 -8.85 -9.53 -12.28
CA GLN E 130 -8.68 -9.77 -10.86
C GLN E 130 -8.02 -11.11 -10.60
N ARG E 131 -7.31 -11.19 -9.48
CA ARG E 131 -6.84 -12.44 -8.93
C ARG E 131 -7.50 -12.64 -7.58
N LEU E 132 -8.12 -13.81 -7.41
CA LEU E 132 -8.90 -14.10 -6.21
C LEU E 132 -8.43 -15.41 -5.60
N SER E 133 -8.18 -15.38 -4.29
CA SER E 133 -8.04 -16.56 -3.46
C SER E 133 -9.37 -16.82 -2.77
N PHE E 134 -9.86 -18.06 -2.83
CA PHE E 134 -11.14 -18.34 -2.18
C PHE E 134 -11.16 -19.77 -1.67
N MET E 135 -12.14 -20.06 -0.81
CA MET E 135 -12.24 -21.36 -0.15
C MET E 135 -12.64 -22.43 -1.15
N CYS E 136 -11.81 -23.46 -1.26
CA CYS E 136 -11.98 -24.48 -2.26
C CYS E 136 -11.14 -25.69 -1.90
N ASP E 137 -11.76 -26.86 -1.88
CA ASP E 137 -11.11 -28.12 -1.55
C ASP E 137 -10.71 -28.80 -2.85
N PRO E 138 -9.43 -28.88 -3.18
CA PRO E 138 -9.02 -29.43 -4.48
C PRO E 138 -8.91 -30.96 -4.49
N THR E 139 -9.53 -31.62 -3.53
CA THR E 139 -9.53 -33.07 -3.51
C THR E 139 -10.19 -33.61 -4.77
N GLY E 140 -9.51 -34.52 -5.46
CA GLY E 140 -9.97 -35.07 -6.71
C GLY E 140 -9.33 -34.44 -7.94
N VAL E 141 -8.57 -33.36 -7.76
CA VAL E 141 -8.04 -32.62 -8.89
C VAL E 141 -7.06 -33.50 -9.67
N ASP E 142 -6.48 -34.51 -9.01
CA ASP E 142 -5.61 -35.49 -9.65
C ASP E 142 -6.35 -36.75 -10.07
N SER E 143 -7.59 -36.62 -10.53
CA SER E 143 -8.39 -37.76 -10.99
C SER E 143 -9.20 -37.33 -12.20
N GLU E 144 -9.78 -38.31 -12.89
CA GLU E 144 -10.52 -38.02 -14.12
C GLU E 144 -11.73 -37.16 -13.82
N GLU E 145 -12.41 -37.42 -12.70
CA GLU E 145 -13.59 -36.64 -12.34
C GLU E 145 -13.22 -35.21 -11.96
N GLY E 146 -12.02 -35.00 -11.45
CA GLY E 146 -11.58 -33.68 -11.09
C GLY E 146 -12.17 -33.19 -9.77
N ALA E 147 -11.98 -31.91 -9.54
CA ALA E 147 -12.43 -31.24 -8.34
C ALA E 147 -13.48 -30.21 -8.71
N THR E 148 -14.28 -29.82 -7.73
CA THR E 148 -15.36 -28.88 -7.97
C THR E 148 -15.30 -27.81 -6.91
N CYS E 149 -15.40 -26.56 -7.32
CA CYS E 149 -15.43 -25.49 -6.34
C CYS E 149 -16.39 -24.40 -6.78
N ALA E 150 -16.79 -23.59 -5.82
CA ALA E 150 -17.89 -22.68 -6.01
C ALA E 150 -17.63 -21.43 -5.19
N VAL E 151 -18.04 -20.29 -5.73
CA VAL E 151 -17.94 -19.04 -4.97
C VAL E 151 -19.06 -18.12 -5.42
N LYS E 152 -19.71 -17.48 -4.47
CA LYS E 152 -20.82 -16.59 -4.77
C LYS E 152 -20.35 -15.16 -4.85
N PHE E 153 -20.95 -14.41 -5.75
CA PHE E 153 -20.68 -13.00 -5.93
C PHE E 153 -21.99 -12.25 -5.79
N GLY E 154 -21.94 -11.12 -5.13
CA GLY E 154 -23.13 -10.30 -5.02
C GLY E 154 -22.80 -9.07 -4.20
N SER E 155 -23.80 -8.21 -4.09
CA SER E 155 -23.68 -7.00 -3.30
C SER E 155 -23.45 -7.36 -1.85
N TRP E 156 -22.72 -6.50 -1.16
CA TRP E 156 -22.41 -6.76 0.23
C TRP E 156 -23.44 -6.16 1.15
N VAL E 157 -24.07 -5.06 0.73
CA VAL E 157 -24.95 -4.29 1.62
C VAL E 157 -26.31 -4.00 1.01
N TYR E 158 -26.57 -4.40 -0.21
CA TYR E 158 -27.86 -4.15 -0.86
C TYR E 158 -28.60 -5.47 -1.05
N SER E 159 -29.87 -5.50 -0.67
CA SER E 159 -30.73 -6.63 -1.00
C SER E 159 -31.15 -6.55 -2.47
N GLY E 160 -31.93 -7.54 -2.90
CA GLY E 160 -32.49 -7.50 -4.24
C GLY E 160 -33.45 -6.35 -4.49
N PHE E 161 -33.92 -5.68 -3.44
CA PHE E 161 -34.82 -4.55 -3.62
C PHE E 161 -34.11 -3.30 -4.13
N GLU E 162 -32.78 -3.25 -4.01
CA GLU E 162 -31.97 -2.12 -4.46
C GLU E 162 -31.04 -2.47 -5.60
N ILE E 163 -30.39 -3.62 -5.54
CA ILE E 163 -29.55 -4.10 -6.62
C ILE E 163 -30.00 -5.49 -7.02
N ASP E 164 -30.48 -5.62 -8.27
CA ASP E 164 -30.81 -6.90 -8.86
C ASP E 164 -29.62 -7.32 -9.72
N LEU E 165 -29.35 -8.62 -9.75
CA LEU E 165 -28.20 -9.18 -10.41
C LEU E 165 -28.67 -10.06 -11.55
N LYS E 166 -28.00 -9.97 -12.69
CA LYS E 166 -28.32 -10.84 -13.81
C LYS E 166 -27.03 -11.32 -14.48
N THR E 167 -27.18 -12.37 -15.27
CA THR E 167 -26.19 -12.84 -16.23
C THR E 167 -26.82 -12.80 -17.61
N ASP E 168 -25.99 -12.58 -18.63
CA ASP E 168 -26.43 -12.76 -20.00
C ASP E 168 -26.30 -14.19 -20.45
N THR E 169 -25.41 -14.96 -19.82
CA THR E 169 -25.26 -16.37 -20.13
C THR E 169 -24.90 -17.10 -18.84
N ASP E 170 -25.12 -18.40 -18.83
CA ASP E 170 -24.71 -19.26 -17.74
C ASP E 170 -23.34 -19.87 -17.97
N GLN E 171 -22.79 -19.72 -19.16
CA GLN E 171 -21.47 -20.26 -19.47
C GLN E 171 -20.42 -19.20 -19.18
N VAL E 172 -19.50 -19.52 -18.27
CA VAL E 172 -18.28 -18.76 -18.12
C VAL E 172 -17.50 -18.82 -19.42
N ASP E 173 -17.13 -17.66 -19.95
CA ASP E 173 -16.28 -17.58 -21.13
C ASP E 173 -14.92 -18.18 -20.84
N LEU E 174 -14.56 -19.23 -21.58
CA LEU E 174 -13.30 -19.95 -21.42
C LEU E 174 -12.44 -19.84 -22.67
N SER E 175 -12.82 -19.02 -23.64
CA SER E 175 -12.07 -18.94 -24.88
C SER E 175 -10.68 -18.32 -24.73
N SER E 176 -10.35 -17.70 -23.59
CA SER E 176 -8.99 -17.23 -23.30
C SER E 176 -8.37 -17.95 -22.12
N TYR E 177 -8.83 -19.15 -21.80
CA TYR E 177 -8.22 -19.84 -20.68
C TYR E 177 -6.81 -20.24 -21.06
N TYR E 178 -5.88 -20.10 -20.10
CA TYR E 178 -4.47 -20.36 -20.35
C TYR E 178 -4.24 -21.81 -20.75
N ALA E 179 -3.86 -22.03 -22.01
CA ALA E 179 -3.78 -23.39 -22.53
C ALA E 179 -2.69 -24.24 -21.87
N SER E 180 -1.74 -23.63 -21.18
CA SER E 180 -0.67 -24.37 -20.52
C SER E 180 -0.70 -24.21 -19.01
N SER E 181 -1.87 -23.89 -18.48
CA SER E 181 -2.11 -23.92 -17.04
C SER E 181 -1.82 -25.31 -16.47
N LYS E 182 -1.49 -25.35 -15.17
CA LYS E 182 -1.41 -26.62 -14.46
C LYS E 182 -2.77 -27.30 -14.32
N TYR E 183 -3.86 -26.63 -14.69
CA TYR E 183 -5.21 -27.15 -14.52
C TYR E 183 -6.01 -26.85 -15.76
N GLU E 184 -6.69 -27.86 -16.28
CA GLU E 184 -7.67 -27.64 -17.33
C GLU E 184 -9.06 -27.58 -16.71
N ILE E 185 -9.93 -26.82 -17.34
CA ILE E 185 -11.31 -26.65 -16.89
C ILE E 185 -12.16 -27.75 -17.52
N LEU E 186 -12.90 -28.47 -16.70
CA LEU E 186 -13.90 -29.40 -17.20
C LEU E 186 -15.24 -28.71 -17.46
N SER E 187 -15.59 -27.74 -16.62
CA SER E 187 -16.74 -26.87 -16.86
C SER E 187 -16.67 -25.68 -15.92
N ALA E 188 -17.27 -24.58 -16.35
CA ALA E 188 -17.36 -23.37 -15.55
C ALA E 188 -18.69 -22.71 -15.83
N THR E 189 -19.50 -22.50 -14.80
CA THR E 189 -20.82 -21.91 -14.96
C THR E 189 -21.00 -20.76 -13.97
N GLN E 190 -21.90 -19.86 -14.32
CA GLN E 190 -22.21 -18.67 -13.54
C GLN E 190 -23.75 -18.56 -13.44
N THR E 191 -24.30 -18.79 -12.25
CA THR E 191 -25.74 -18.94 -12.11
C THR E 191 -26.31 -17.94 -11.12
N ARG E 192 -27.23 -17.12 -11.60
CA ARG E 192 -28.01 -16.27 -10.73
C ARG E 192 -28.80 -17.11 -9.73
N GLN E 193 -28.88 -16.63 -8.49
CA GLN E 193 -29.56 -17.32 -7.43
C GLN E 193 -30.37 -16.32 -6.65
N VAL E 194 -31.57 -16.73 -6.22
CA VAL E 194 -32.43 -15.90 -5.38
C VAL E 194 -32.64 -16.64 -4.07
N GLN E 195 -32.28 -15.99 -2.95
CA GLN E 195 -32.35 -16.58 -1.61
C GLN E 195 -33.33 -15.80 -0.76
N HIS E 196 -34.08 -16.51 0.09
CA HIS E 196 -35.02 -15.87 1.00
C HIS E 196 -34.77 -16.40 2.40
N TYR E 197 -34.92 -15.52 3.39
CA TYR E 197 -34.69 -15.90 4.76
C TYR E 197 -35.98 -15.75 5.56
N SER E 198 -36.04 -16.54 6.64
CA SER E 198 -37.13 -16.50 7.62
C SER E 198 -37.61 -15.08 7.94
N CYS E 199 -36.72 -14.28 8.53
CA CYS E 199 -36.97 -13.03 9.24
C CYS E 199 -37.53 -11.90 8.38
N CYS E 200 -36.64 -11.35 7.48
CA CYS E 200 -36.52 -10.47 6.34
C CYS E 200 -37.37 -10.95 5.18
N PRO E 201 -38.18 -10.06 4.59
CA PRO E 201 -38.95 -10.40 3.39
C PRO E 201 -38.23 -10.12 2.08
N GLU E 202 -37.16 -9.35 2.12
CA GLU E 202 -36.48 -8.99 0.88
C GLU E 202 -35.58 -10.11 0.41
N PRO E 203 -35.56 -10.39 -0.88
CA PRO E 203 -34.69 -11.43 -1.40
C PRO E 203 -33.24 -10.97 -1.54
N TYR E 204 -32.33 -11.93 -1.51
CA TYR E 204 -30.93 -11.69 -1.72
C TYR E 204 -30.49 -12.41 -2.99
N ILE E 205 -29.90 -11.66 -3.91
CA ILE E 205 -29.41 -12.18 -5.18
C ILE E 205 -27.91 -12.39 -5.08
N ASP E 206 -27.44 -13.49 -5.66
CA ASP E 206 -26.03 -13.66 -5.92
C ASP E 206 -25.88 -14.36 -7.26
N VAL E 207 -24.65 -14.35 -7.78
CA VAL E 207 -24.25 -15.13 -8.94
C VAL E 207 -23.23 -16.14 -8.44
N ASN E 208 -23.54 -17.42 -8.62
CA ASN E 208 -22.71 -18.53 -8.14
C ASN E 208 -21.79 -18.94 -9.28
N LEU E 209 -20.49 -18.92 -9.02
CA LEU E 209 -19.48 -19.34 -9.99
C LEU E 209 -19.05 -20.75 -9.59
N VAL E 210 -19.33 -21.72 -10.45
CA VAL E 210 -18.99 -23.12 -10.19
C VAL E 210 -17.97 -23.54 -11.24
N VAL E 211 -16.82 -24.03 -10.78
CA VAL E 211 -15.74 -24.44 -11.68
C VAL E 211 -15.34 -25.87 -11.34
N LYS E 212 -15.23 -26.70 -12.37
CA LYS E 212 -14.77 -28.08 -12.24
C LYS E 212 -13.50 -28.25 -13.05
N PHE E 213 -12.45 -28.74 -12.40
CA PHE E 213 -11.11 -28.66 -12.97
C PHE E 213 -10.28 -29.83 -12.47
N ARG E 214 -9.25 -30.18 -13.22
CA ARG E 214 -8.36 -31.25 -12.81
C ARG E 214 -6.95 -30.92 -13.30
N GLU E 215 -5.96 -31.58 -12.71
CA GLU E 215 -4.60 -31.43 -13.21
C GLU E 215 -4.52 -31.84 -14.68
N ARG E 216 -3.69 -31.14 -15.43
CA ARG E 216 -3.59 -31.33 -16.86
C ARG E 216 -2.68 -32.51 -17.23
N GLY F 1 23.74 0.39 -25.47
CA GLY F 1 24.09 1.80 -25.53
C GLY F 1 23.01 2.70 -24.97
N CYS F 2 22.82 3.86 -25.60
CA CYS F 2 21.98 4.90 -25.04
C CYS F 2 20.53 4.44 -24.79
N CYS F 3 19.97 3.65 -25.71
CA CYS F 3 18.57 3.24 -25.59
C CYS F 3 18.29 2.42 -24.34
N SER F 4 19.29 1.70 -23.84
CA SER F 4 19.10 0.85 -22.69
C SER F 4 19.26 1.59 -21.37
N HIS F 5 19.67 2.85 -21.41
CA HIS F 5 19.77 3.69 -20.21
C HIS F 5 18.58 4.64 -20.21
N PRO F 6 17.67 4.54 -19.24
CA PRO F 6 16.45 5.37 -19.29
C PRO F 6 16.67 6.85 -19.24
N ALA F 7 17.66 7.33 -18.50
CA ALA F 7 17.98 8.74 -18.51
C ALA F 7 18.51 9.18 -19.87
N CYS F 8 19.25 8.31 -20.57
CA CYS F 8 19.72 8.66 -21.90
C CYS F 8 18.61 8.52 -22.94
N SER F 9 17.87 7.41 -22.90
CA SER F 9 16.81 7.19 -23.88
C SER F 9 15.82 8.34 -23.92
N VAL F 10 15.33 8.80 -22.76
CA VAL F 10 14.32 9.85 -22.74
C VAL F 10 14.84 11.18 -23.25
N ASN F 11 16.17 11.35 -23.33
CA ASN F 11 16.76 12.55 -23.90
C ASN F 11 17.03 12.44 -25.38
N HIS F 12 16.86 11.25 -25.97
CA HIS F 12 17.15 11.03 -27.38
C HIS F 12 16.01 10.25 -28.05
N PRO F 13 14.85 10.88 -28.21
CA PRO F 13 13.78 10.24 -29.01
C PRO F 13 14.23 9.93 -30.41
N GLU F 14 15.11 10.76 -30.98
CA GLU F 14 15.50 10.62 -32.37
C GLU F 14 16.26 9.32 -32.65
N LEU F 15 16.76 8.65 -31.62
CA LEU F 15 17.48 7.39 -31.79
C LEU F 15 16.91 6.21 -31.03
N CYS F 16 16.09 6.43 -30.02
CA CYS F 16 15.71 5.34 -29.12
C CYS F 16 14.21 5.10 -28.93
N NH2 F 17 13.91 4.15 -28.05
N GLY G 1 -13.13 -15.05 -28.08
CA GLY G 1 -13.42 -14.06 -29.10
C GLY G 1 -13.44 -12.65 -28.55
N CYS G 2 -14.27 -11.79 -29.15
CA CYS G 2 -14.38 -10.41 -28.70
C CYS G 2 -14.63 -10.34 -27.20
N CYS G 3 -15.55 -11.18 -26.70
CA CYS G 3 -16.04 -11.07 -25.33
C CYS G 3 -15.02 -11.44 -24.26
N SER G 4 -13.92 -12.10 -24.62
CA SER G 4 -12.85 -12.35 -23.66
C SER G 4 -11.71 -11.35 -23.80
N HIS G 5 -11.88 -10.32 -24.62
CA HIS G 5 -10.89 -9.27 -24.83
C HIS G 5 -11.45 -8.02 -24.19
N PRO G 6 -10.86 -7.51 -23.12
CA PRO G 6 -11.56 -6.48 -22.33
C PRO G 6 -11.78 -5.21 -23.12
N ALA G 7 -10.94 -4.95 -24.11
CA ALA G 7 -11.09 -3.75 -24.91
C ALA G 7 -12.20 -3.92 -25.95
N CYS G 8 -12.32 -5.11 -26.53
CA CYS G 8 -13.45 -5.38 -27.42
C CYS G 8 -14.75 -5.46 -26.64
N SER G 9 -14.81 -6.26 -25.57
CA SER G 9 -16.08 -6.47 -24.86
C SER G 9 -16.70 -5.15 -24.43
N VAL G 10 -15.91 -4.32 -23.78
CA VAL G 10 -16.38 -3.06 -23.21
C VAL G 10 -16.91 -2.13 -24.29
N ASN G 11 -16.54 -2.35 -25.56
CA ASN G 11 -17.04 -1.58 -26.69
C ASN G 11 -18.30 -2.19 -27.33
N HIS G 12 -18.70 -3.39 -26.90
CA HIS G 12 -19.83 -4.09 -27.50
C HIS G 12 -20.71 -4.70 -26.40
N PRO G 13 -21.36 -3.85 -25.61
CA PRO G 13 -22.30 -4.36 -24.60
C PRO G 13 -23.41 -5.22 -25.17
N GLU G 14 -24.02 -4.79 -26.29
CA GLU G 14 -25.11 -5.54 -26.90
C GLU G 14 -24.73 -7.00 -27.16
N LEU G 15 -23.44 -7.26 -27.36
CA LEU G 15 -22.94 -8.56 -27.80
C LEU G 15 -22.31 -9.35 -26.65
N CYS G 16 -21.67 -8.66 -25.72
CA CYS G 16 -20.85 -9.32 -24.74
C CYS G 16 -21.43 -9.14 -23.35
N NH2 G 17 -21.11 -10.05 -22.43
N GLY H 1 -0.78 -5.52 35.19
CA GLY H 1 -1.95 -4.76 35.62
C GLY H 1 -2.50 -3.81 34.58
N CYS H 2 -2.91 -2.62 35.03
CA CYS H 2 -3.57 -1.66 34.15
C CYS H 2 -2.65 -1.22 33.00
N CYS H 3 -1.35 -1.11 33.28
CA CYS H 3 -0.43 -0.67 32.24
C CYS H 3 -0.31 -1.67 31.09
N SER H 4 -0.71 -2.92 31.30
CA SER H 4 -0.68 -3.89 30.20
C SER H 4 -1.83 -3.69 29.24
N HIS H 5 -2.87 -2.98 29.66
CA HIS H 5 -4.07 -2.79 28.85
C HIS H 5 -4.01 -1.41 28.24
N PRO H 6 -4.00 -1.29 26.90
CA PRO H 6 -3.79 0.03 26.31
C PRO H 6 -4.93 0.99 26.59
N ALA H 7 -6.17 0.48 26.63
CA ALA H 7 -7.29 1.35 26.95
C ALA H 7 -7.26 1.81 28.41
N CYS H 8 -6.80 0.97 29.34
CA CYS H 8 -6.67 1.39 30.72
C CYS H 8 -5.49 2.34 30.88
N SER H 9 -4.29 1.89 30.47
CA SER H 9 -3.07 2.67 30.59
C SER H 9 -3.26 4.10 30.10
N VAL H 10 -3.85 4.25 28.92
CA VAL H 10 -4.01 5.55 28.30
C VAL H 10 -4.95 6.46 29.08
N ASN H 11 -5.74 5.90 30.00
CA ASN H 11 -6.61 6.68 30.87
C ASN H 11 -5.94 7.10 32.17
N HIS H 12 -4.84 6.46 32.54
CA HIS H 12 -4.17 6.69 33.82
C HIS H 12 -2.70 7.04 33.60
N PRO H 13 -2.42 8.29 33.22
CA PRO H 13 -1.04 8.78 33.31
C PRO H 13 -0.46 8.63 34.70
N GLU H 14 -1.33 8.66 35.72
CA GLU H 14 -0.91 8.60 37.11
C GLU H 14 0.08 7.44 37.37
N LEU H 15 -0.26 6.24 36.91
CA LEU H 15 0.56 5.06 37.22
C LEU H 15 1.25 4.45 36.01
N CYS H 16 0.85 4.80 34.80
CA CYS H 16 1.39 4.15 33.60
C CYS H 16 2.17 5.10 32.73
N NH2 H 17 3.29 4.62 32.18
N GLY I 1 31.16 6.47 13.84
CA GLY I 1 31.16 7.83 14.36
C GLY I 1 29.83 8.53 14.18
N CYS I 2 29.84 9.87 14.25
CA CYS I 2 28.60 10.63 14.11
C CYS I 2 27.92 10.35 12.78
N CYS I 3 28.69 10.06 11.73
CA CYS I 3 28.13 9.98 10.39
C CYS I 3 27.43 8.66 10.09
N SER I 4 27.52 7.65 10.97
CA SER I 4 26.70 6.46 10.78
C SER I 4 25.38 6.55 11.53
N HIS I 5 25.17 7.62 12.29
CA HIS I 5 23.94 7.84 13.03
C HIS I 5 23.14 8.91 12.33
N PRO I 6 21.91 8.63 11.89
CA PRO I 6 21.21 9.56 10.99
C PRO I 6 20.79 10.85 11.65
N ALA I 7 20.42 10.84 12.93
CA ALA I 7 20.14 12.11 13.62
C ALA I 7 21.41 12.96 13.77
N CYS I 8 22.55 12.33 14.03
CA CYS I 8 23.77 13.13 14.16
C CYS I 8 24.27 13.58 12.79
N SER I 9 24.25 12.70 11.80
CA SER I 9 24.67 13.06 10.45
C SER I 9 23.88 14.24 9.91
N VAL I 10 22.54 14.17 9.94
CA VAL I 10 21.76 15.31 9.45
C VAL I 10 21.98 16.57 10.27
N ASN I 11 22.69 16.49 11.40
CA ASN I 11 22.95 17.67 12.21
C ASN I 11 24.35 18.22 12.02
N HIS I 12 25.17 17.59 11.18
CA HIS I 12 26.56 18.01 10.98
C HIS I 12 26.97 17.81 9.53
N PRO I 13 26.41 18.64 8.63
CA PRO I 13 26.88 18.60 7.24
C PRO I 13 28.36 18.85 7.12
N GLU I 14 28.92 19.72 7.97
CA GLU I 14 30.34 20.06 7.91
C GLU I 14 31.23 18.82 8.02
N LEU I 15 30.73 17.73 8.62
CA LEU I 15 31.51 16.53 8.86
C LEU I 15 31.11 15.34 8.01
N CYS I 16 29.84 15.24 7.64
CA CYS I 16 29.35 14.10 6.87
C CYS I 16 28.90 14.52 5.50
N NH2 I 17 28.81 13.56 4.58
#